data_7P2Z
#
_entry.id   7P2Z
#
_cell.length_a   97.157
_cell.length_b   102.539
_cell.length_c   129.048
_cell.angle_alpha   90.000
_cell.angle_beta   90.000
_cell.angle_gamma   90.000
#
_symmetry.space_group_name_H-M   'P 21 21 21'
#
loop_
_entity.id
_entity.type
_entity.pdbx_description
1 polymer 'Lysosomal alpha-glucosidase'
2 branched 2-acetamido-2-deoxy-beta-D-glucopyranose-(1-4)-[alpha-L-fucopyranose-(1-6)]2-acetamido-2-deoxy-beta-D-glucopyranose
3 branched 2-acetamido-2-deoxy-beta-D-glucopyranose-(1-4)-2-acetamido-2-deoxy-beta-D-glucopyranose
4 branched beta-D-mannopyranose-(1-4)-2-acetamido-2-deoxy-beta-D-glucopyranose-(1-4)-2-acetamido-2-deoxy-beta-D-glucopyranose
5 branched alpha-L-fucopyranose-(1-6)-2-acetamido-2-deoxy-beta-D-glucopyranose
6 non-polymer 'SULFATE ION'
7 non-polymer 'CHLORIDE ION'
8 non-polymer GLYCEROL
9 non-polymer 1,2-ETHANEDIOL
10 non-polymer (3~{a}~{R},4~{S},5~{S},6~{S},7~{R},7~{a}~{S})-7-(hydroxymethyl)-2,2-bis(oxidanylidene)-3~{a},4,5,6,7,7~{a}-hexahydro-3~{H}-benzo[d][1,2,3]oxathiazole-4,5,6-triol
11 non-polymer 'TRIETHYLENE GLYCOL'
12 water water
#
_entity_poly.entity_id   1
_entity_poly.type   'polypeptide(L)'
_entity_poly.pdbx_seq_one_letter_code
;QCDVPPNSRFDCAPDKAITQEQCEARGCCYIPAKQGLQGAQMGQPWCFFPPSYPSYKLENLSSSEMGYTATLTRTTPTFF
PKDILTLRLDVMMETENRLHFTIKDPANRRYEVPLETPRVHSRAPSPLYSVEFSEEPFGVIVHRQLDGRVLLNTTVAPLF
FADQFLQLSTSLPSQYITGLAEHLSPLMLSTSWTRITLWNRDLAPTPGANLYGSHPFYLALEDGGSAHGVFLLNSNAMDV
VLQPSPALSWRSTGGILDVYIFLGPEPKSVVQQYLDVVGYPFMPPYWGLGFHLCRWGYSSTAITRQVVENMTRAHFPLDV
QWNDLDYMDSRRDFTFNKDGFRDFPAMVQELHQGGRRYMMIVDPAISSSGPAGSYRPYDEGLRRGVFITNETGQPLIGKV
WPGSTAFPDFTNPTALAWWEDMVAEFHDQVPFDGMWIDMNEPSNFIRGSEDGCPNNELENPPYVPGVVGGTLQAATICAS
SHQFLSTHYNLHNLYGLTEAIASHRALVKARGTRPFVISRSTFAGHGRYAGHWTGDVWSSWEQLASSVPEILQFNLLGVP
LVGADVCGFLGNTSEELCVRWTQLGAFYPFMRNHNSLLSLPQEPYSFSEPAQQAMRKALTLRYALLPHLYTLFHQAHVAG
ETVARPLFLEFPKDSSTWTVDHQLLWGEALLITPVLQAGKAEVTGYFPLGTWYDLQTVPIEALGSLPPPPAAPREPAIHS
EGQWVTLPAPLDTINVHLRAGYIIPLQGPGLTTTESRQQPMALAVALTKGGEARGELFWDDGESLEVLERGAYTQVIFLA
RNNTIVNELVRVTSEGAGLQLQKVTVLGVATAPQQVLSNGVPVSNFTYSPDTKVLDI(CSO)VSLLMGEQFLVSWC
;
_entity_poly.pdbx_strand_id   AAA,AaA
#
loop_
_chem_comp.id
_chem_comp.type
_chem_comp.name
_chem_comp.formula
BMA D-saccharide, beta linking beta-D-mannopyranose 'C6 H12 O6'
CL non-polymer 'CHLORIDE ION' 'Cl -1'
EDO non-polymer 1,2-ETHANEDIOL 'C2 H6 O2'
FUC L-saccharide, alpha linking alpha-L-fucopyranose 'C6 H12 O5'
GOL non-polymer GLYCEROL 'C3 H8 O3'
NAG D-saccharide, beta linking 2-acetamido-2-deoxy-beta-D-glucopyranose 'C8 H15 N O6'
PGE non-polymer 'TRIETHYLENE GLYCOL' 'C6 H14 O4'
SO4 non-polymer 'SULFATE ION' 'O4 S -2'
YTW non-polymer (3~{a}~{R},4~{S},5~{S},6~{S},7~{R},7~{a}~{S})-7-(hydroxymethyl)-2,2-bis(oxidanylidene)-3~{a},4,5,6,7,7~{a}-hexahydro-3~{H}-benzo[d][1,2,3]oxathiazole-4,5,6-triol 'C7 H13 N O7 S'
#
# COMPACT_ATOMS: atom_id res chain seq x y z
N GLN A 1 -6.99 -36.27 26.85
CA GLN A 1 -5.96 -35.20 26.66
C GLN A 1 -5.64 -35.00 25.17
N CYS A 2 -5.80 -36.02 24.32
CA CYS A 2 -5.57 -35.90 22.85
C CYS A 2 -6.86 -35.71 22.07
N ASP A 3 -7.98 -35.51 22.77
CA ASP A 3 -9.31 -35.32 22.14
C ASP A 3 -9.46 -33.83 21.78
N VAL A 4 -8.74 -33.41 20.74
CA VAL A 4 -8.80 -32.01 20.23
C VAL A 4 -9.46 -32.05 18.85
N PRO A 5 -10.50 -31.23 18.62
CA PRO A 5 -11.16 -31.17 17.32
C PRO A 5 -10.13 -30.86 16.22
N PRO A 6 -10.22 -31.52 15.05
CA PRO A 6 -9.18 -31.40 14.02
C PRO A 6 -8.77 -29.95 13.71
N ASN A 7 -9.73 -29.06 13.56
CA ASN A 7 -9.50 -27.67 13.10
C ASN A 7 -8.78 -26.84 14.17
N SER A 8 -8.76 -27.35 15.41
CA SER A 8 -8.22 -26.67 16.61
C SER A 8 -6.87 -27.25 17.01
N ARG A 9 -6.30 -28.15 16.22
CA ARG A 9 -4.98 -28.78 16.50
C ARG A 9 -3.89 -27.80 16.07
N PHE A 10 -3.01 -27.47 17.00
CA PHE A 10 -1.83 -26.59 16.74
C PHE A 10 -0.59 -27.47 16.62
N ASP A 11 0.17 -27.22 15.57
CA ASP A 11 1.33 -28.03 15.13
C ASP A 11 2.44 -28.07 16.19
N CYS A 12 2.78 -29.27 16.66
CA CYS A 12 3.88 -29.55 17.64
C CYS A 12 5.15 -29.96 16.89
N ALA A 13 5.11 -30.04 15.56
CA ALA A 13 6.31 -30.33 14.74
C ALA A 13 6.37 -29.37 13.56
N PRO A 14 6.41 -28.04 13.81
CA PRO A 14 6.52 -27.07 12.71
C PRO A 14 7.94 -27.04 12.12
N ASP A 15 8.91 -27.58 12.86
CA ASP A 15 10.36 -27.49 12.57
C ASP A 15 10.80 -28.59 11.61
N LYS A 16 10.21 -29.79 11.67
CA LYS A 16 10.73 -30.93 10.87
C LYS A 16 9.68 -32.03 10.73
N ALA A 17 9.90 -32.92 9.76
CA ALA A 17 9.12 -34.17 9.61
C ALA A 17 9.36 -34.99 10.88
N ILE A 18 8.30 -35.50 11.50
CA ILE A 18 8.37 -36.18 12.81
C ILE A 18 7.65 -37.54 12.71
N THR A 19 8.11 -38.53 13.47
CA THR A 19 7.43 -39.84 13.61
C THR A 19 6.52 -39.80 14.83
N GLN A 20 5.62 -40.76 14.93
CA GLN A 20 4.73 -40.88 16.09
C GLN A 20 5.58 -40.94 17.37
N GLU A 21 6.70 -41.66 17.35
CA GLU A 21 7.46 -41.92 18.61
C GLU A 21 8.10 -40.61 19.07
N GLN A 22 8.69 -39.87 18.13
CA GLN A 22 9.34 -38.55 18.38
C GLN A 22 8.30 -37.55 18.88
N CYS A 23 7.11 -37.56 18.27
CA CYS A 23 5.98 -36.67 18.59
C CYS A 23 5.55 -36.91 20.04
N GLU A 24 5.31 -38.16 20.41
CA GLU A 24 4.91 -38.56 21.78
C GLU A 24 6.05 -38.27 22.77
N ALA A 25 7.32 -38.40 22.36
CA ALA A 25 8.52 -38.10 23.19
C ALA A 25 8.60 -36.58 23.46
N ARG A 26 7.98 -35.76 22.62
CA ARG A 26 7.94 -34.28 22.82
C ARG A 26 6.84 -33.89 23.80
N GLY A 27 6.01 -34.85 24.21
CA GLY A 27 4.77 -34.63 25.00
C GLY A 27 3.61 -34.19 24.12
N CYS A 28 3.62 -34.53 22.83
CA CYS A 28 2.54 -34.17 21.89
C CYS A 28 1.68 -35.37 21.48
N CYS A 29 0.54 -35.08 20.87
CA CYS A 29 -0.47 -36.05 20.38
C CYS A 29 -0.22 -36.36 18.91
N TYR A 30 -0.31 -37.63 18.53
CA TYR A 30 -0.13 -38.07 17.14
C TYR A 30 -1.45 -38.67 16.66
N ILE A 31 -2.12 -37.98 15.75
CA ILE A 31 -3.36 -38.49 15.10
C ILE A 31 -3.30 -38.08 13.64
N PRO A 32 -3.13 -39.04 12.71
CA PRO A 32 -3.08 -38.69 11.30
C PRO A 32 -4.38 -38.00 10.87
N ALA A 33 -4.27 -36.98 10.02
CA ALA A 33 -5.42 -36.38 9.32
C ALA A 33 -6.04 -37.49 8.44
N LYS A 34 -7.33 -37.42 8.18
CA LYS A 34 -8.08 -38.53 7.52
C LYS A 34 -7.93 -38.43 5.99
N GLN A 35 -7.28 -37.37 5.51
CA GLN A 35 -6.96 -37.14 4.08
C GLN A 35 -5.70 -36.28 3.98
N GLY B 43 -1.21 -28.53 5.65
CA GLY B 43 -2.49 -29.16 6.06
C GLY B 43 -2.61 -29.26 7.58
N GLN B 44 -3.66 -29.91 8.08
CA GLN B 44 -3.88 -30.19 9.51
C GLN B 44 -2.68 -30.95 10.06
N PRO B 45 -2.10 -30.54 11.22
CA PRO B 45 -0.91 -31.21 11.74
C PRO B 45 -1.28 -32.57 12.33
N TRP B 46 -0.47 -33.57 12.04
CA TRP B 46 -0.61 -34.93 12.60
C TRP B 46 -0.09 -34.96 14.04
N CYS B 47 0.90 -34.11 14.31
CA CYS B 47 1.55 -33.99 15.64
C CYS B 47 1.11 -32.65 16.26
N PHE B 48 0.35 -32.67 17.33
CA PHE B 48 -0.23 -31.41 17.87
C PHE B 48 -0.15 -31.36 19.40
N PHE B 49 -0.29 -30.16 19.95
CA PHE B 49 -0.19 -29.94 21.41
C PHE B 49 -1.44 -30.42 22.11
N PRO B 50 -1.32 -31.22 23.18
CA PRO B 50 -2.43 -31.45 24.08
C PRO B 50 -2.67 -30.17 24.87
N PRO B 51 -3.86 -30.01 25.48
CA PRO B 51 -4.15 -28.86 26.35
C PRO B 51 -3.16 -28.74 27.53
N SER B 52 -2.54 -29.84 27.95
CA SER B 52 -1.60 -29.89 29.10
C SER B 52 -0.16 -29.61 28.64
N TYR B 53 0.08 -29.29 27.38
CA TYR B 53 1.47 -29.09 26.91
C TYR B 53 2.07 -27.93 27.71
N PRO B 54 3.33 -28.04 28.20
CA PRO B 54 3.92 -26.98 29.03
C PRO B 54 4.05 -25.63 28.29
N SER B 55 3.56 -24.58 28.93
CA SER B 55 3.65 -23.19 28.44
C SER B 55 4.41 -22.38 29.49
N TYR B 56 4.13 -21.10 29.57
CA TYR B 56 4.58 -20.20 30.65
C TYR B 56 3.46 -20.08 31.67
N LYS B 57 3.83 -19.84 32.92
CA LYS B 57 2.91 -19.56 34.03
C LYS B 57 3.01 -18.06 34.31
N LEU B 58 1.86 -17.39 34.51
CA LEU B 58 1.82 -15.98 34.93
C LEU B 58 2.11 -15.92 36.44
N GLU B 59 2.98 -15.03 36.87
CA GLU B 59 3.27 -14.83 38.31
C GLU B 59 3.42 -13.34 38.60
N ASN B 60 3.05 -12.94 39.81
CA ASN B 60 3.25 -11.58 40.31
C ASN B 60 2.62 -10.55 39.36
N LEU B 61 1.40 -10.80 38.89
CA LEU B 61 0.65 -9.78 38.13
C LEU B 61 0.46 -8.58 39.03
N SER B 62 0.77 -7.41 38.52
CA SER B 62 0.77 -6.14 39.26
C SER B 62 0.06 -5.09 38.43
N SER B 63 -0.59 -4.14 39.09
CA SER B 63 -1.28 -3.03 38.40
C SER B 63 -0.44 -1.76 38.44
N SER B 64 -0.38 -1.06 37.32
CA SER B 64 0.30 0.25 37.14
CA SER B 64 0.29 0.26 37.15
C SER B 64 -0.70 1.29 36.63
N GLU B 65 -0.31 2.57 36.64
CA GLU B 65 -1.06 3.69 36.01
C GLU B 65 -1.23 3.40 34.51
N MET B 66 -0.24 2.80 33.85
CA MET B 66 -0.27 2.52 32.39
C MET B 66 -1.14 1.27 32.12
N GLY B 67 -1.10 0.30 33.04
CA GLY B 67 -1.79 -0.98 32.84
C GLY B 67 -1.30 -2.06 33.77
N TYR B 68 -0.56 -3.04 33.27
CA TYR B 68 -0.20 -4.23 34.07
C TYR B 68 1.22 -4.67 33.75
N THR B 69 1.83 -5.33 34.72
CA THR B 69 3.13 -6.02 34.53
CA THR B 69 3.13 -6.02 34.53
C THR B 69 3.08 -7.38 35.22
N ALA B 70 3.85 -8.32 34.68
CA ALA B 70 3.93 -9.67 35.26
C ALA B 70 5.21 -10.34 34.82
N THR B 71 5.51 -11.44 35.50
CA THR B 71 6.61 -12.36 35.16
C THR B 71 5.96 -13.59 34.55
N LEU B 72 6.55 -14.13 33.50
CA LEU B 72 6.12 -15.42 32.90
C LEU B 72 7.28 -16.39 33.07
N THR B 73 6.99 -17.60 33.53
CA THR B 73 8.01 -18.60 33.81
C THR B 73 7.68 -19.89 33.08
N ARG B 74 8.65 -20.41 32.34
CA ARG B 74 8.56 -21.76 31.73
C ARG B 74 9.43 -22.68 32.60
N THR B 75 8.90 -23.83 32.97
CA THR B 75 9.66 -24.78 33.83
C THR B 75 10.08 -26.00 33.00
N THR B 76 9.39 -26.32 31.91
CA THR B 76 9.74 -27.46 31.01
C THR B 76 10.24 -26.88 29.70
N PRO B 77 11.48 -27.18 29.27
CA PRO B 77 11.99 -26.66 28.00
C PRO B 77 11.16 -27.16 26.82
N THR B 78 11.13 -26.39 25.73
CA THR B 78 10.53 -26.82 24.43
C THR B 78 11.56 -27.64 23.67
N PHE B 79 11.21 -28.09 22.46
CA PHE B 79 12.10 -28.81 21.52
C PHE B 79 13.01 -27.81 20.77
N PHE B 80 12.86 -26.49 20.97
CA PHE B 80 13.79 -25.51 20.35
C PHE B 80 14.94 -25.21 21.30
N PRO B 81 16.14 -24.85 20.80
CA PRO B 81 17.25 -24.48 21.66
C PRO B 81 17.04 -23.07 22.24
N LYS B 82 17.66 -22.82 23.39
CA LYS B 82 17.83 -21.46 23.99
C LYS B 82 16.44 -20.87 24.31
N ASP B 83 15.55 -21.67 24.89
CA ASP B 83 14.32 -21.12 25.53
C ASP B 83 14.72 -20.02 26.51
N ILE B 84 13.97 -18.93 26.53
CA ILE B 84 14.12 -17.88 27.56
C ILE B 84 13.10 -18.17 28.67
N LEU B 85 13.56 -18.73 29.78
CA LEU B 85 12.68 -19.37 30.78
C LEU B 85 11.93 -18.32 31.60
N THR B 86 12.48 -17.12 31.75
CA THR B 86 11.84 -16.02 32.50
C THR B 86 11.63 -14.82 31.58
N LEU B 87 10.38 -14.41 31.41
CA LEU B 87 10.00 -13.27 30.54
C LEU B 87 9.30 -12.21 31.39
N ARG B 88 9.24 -10.98 30.88
CA ARG B 88 8.48 -9.87 31.48
C ARG B 88 7.34 -9.51 30.54
N LEU B 89 6.12 -9.47 31.07
CA LEU B 89 4.90 -9.01 30.35
C LEU B 89 4.62 -7.57 30.77
N ASP B 90 4.45 -6.67 29.82
CA ASP B 90 3.99 -5.29 30.07
C ASP B 90 2.73 -5.07 29.23
N VAL B 91 1.66 -4.64 29.89
CA VAL B 91 0.37 -4.35 29.22
C VAL B 91 0.10 -2.88 29.40
N MET B 92 -0.12 -2.17 28.30
CA MET B 92 -0.32 -0.69 28.32
CA MET B 92 -0.32 -0.70 28.32
C MET B 92 -1.65 -0.36 27.65
N MET B 93 -2.53 0.27 28.43
CA MET B 93 -3.87 0.73 27.99
CA MET B 93 -3.85 0.73 27.96
C MET B 93 -3.69 2.16 27.45
N GLU B 94 -3.23 2.28 26.21
CA GLU B 94 -2.69 3.54 25.68
C GLU B 94 -3.82 4.52 25.34
N THR B 95 -4.87 4.06 24.67
CA THR B 95 -6.04 4.90 24.30
C THR B 95 -7.29 4.07 24.50
N GLU B 96 -8.46 4.71 24.36
CA GLU B 96 -9.73 3.94 24.39
C GLU B 96 -9.76 2.90 23.25
N ASN B 97 -9.02 3.06 22.15
N ASN B 97 -9.00 3.11 22.17
CA ASN B 97 -9.13 2.07 21.04
CA ASN B 97 -9.07 2.25 20.95
C ASN B 97 -7.81 1.34 20.80
C ASN B 97 -7.82 1.36 20.80
N ARG B 98 -6.74 1.67 21.52
CA ARG B 98 -5.43 1.02 21.34
C ARG B 98 -4.94 0.35 22.63
N LEU B 99 -4.75 -0.96 22.56
CA LEU B 99 -4.14 -1.78 23.62
C LEU B 99 -2.78 -2.23 23.10
N HIS B 100 -1.76 -2.21 23.95
CA HIS B 100 -0.36 -2.54 23.57
C HIS B 100 0.21 -3.47 24.63
N PHE B 101 0.81 -4.58 24.23
CA PHE B 101 1.52 -5.41 25.21
C PHE B 101 2.82 -5.90 24.62
N THR B 102 3.80 -6.06 25.51
CA THR B 102 5.14 -6.58 25.13
C THR B 102 5.46 -7.76 26.01
N ILE B 103 6.16 -8.72 25.42
CA ILE B 103 6.80 -9.85 26.14
C ILE B 103 8.29 -9.81 25.76
N LYS B 104 9.12 -9.60 26.78
CA LYS B 104 10.58 -9.38 26.64
C LYS B 104 11.37 -10.24 27.62
N ASP B 105 12.66 -10.30 27.35
CA ASP B 105 13.66 -10.94 28.25
C ASP B 105 14.11 -9.86 29.22
N PRO B 106 13.77 -9.92 30.51
CA PRO B 106 14.19 -8.85 31.43
C PRO B 106 15.70 -8.86 31.72
N ALA B 107 16.42 -9.94 31.41
CA ALA B 107 17.88 -10.06 31.67
C ALA B 107 18.70 -9.61 30.46
N ASN B 108 18.12 -9.40 29.29
CA ASN B 108 18.92 -9.05 28.08
C ASN B 108 18.10 -8.16 27.16
N ARG B 109 18.68 -7.04 26.74
CA ARG B 109 18.11 -6.24 25.65
C ARG B 109 18.10 -7.16 24.43
N ARG B 110 16.94 -7.35 23.82
CA ARG B 110 16.82 -8.10 22.54
C ARG B 110 16.56 -7.08 21.45
N TYR B 111 16.77 -7.49 20.21
CA TYR B 111 16.51 -6.61 19.05
C TYR B 111 15.04 -6.13 19.07
N GLU B 112 14.84 -4.84 18.84
CA GLU B 112 13.51 -4.21 18.70
C GLU B 112 13.52 -3.34 17.46
N VAL B 113 12.40 -3.34 16.74
CA VAL B 113 12.29 -2.56 15.49
C VAL B 113 12.35 -1.09 15.85
N PRO B 114 13.23 -0.30 15.21
CA PRO B 114 13.20 1.16 15.43
C PRO B 114 11.86 1.75 14.93
N LEU B 115 11.05 2.34 15.83
CA LEU B 115 9.74 2.99 15.54
C LEU B 115 9.59 4.26 16.40
N GLU B 116 9.18 5.37 15.79
CA GLU B 116 8.83 6.67 16.46
C GLU B 116 7.54 6.50 17.28
N THR B 117 7.41 7.25 18.40
CA THR B 117 6.23 7.24 19.31
C THR B 117 5.09 8.02 18.66
N ALA B 124 -20.07 7.00 27.63
CA ALA B 124 -19.45 6.61 28.92
C ALA B 124 -17.93 6.50 28.74
N PRO B 125 -17.11 7.10 29.63
CA PRO B 125 -15.65 7.05 29.48
C PRO B 125 -15.10 5.68 29.91
N SER B 126 -14.62 4.90 28.94
CA SER B 126 -14.07 3.54 29.16
C SER B 126 -13.44 3.09 27.84
N PRO B 127 -12.40 2.24 27.87
CA PRO B 127 -11.85 1.71 26.63
C PRO B 127 -12.90 0.84 25.93
N LEU B 128 -12.71 0.59 24.64
CA LEU B 128 -13.56 -0.32 23.84
C LEU B 128 -13.24 -1.78 24.18
N TYR B 129 -12.06 -2.02 24.80
CA TYR B 129 -11.58 -3.39 25.09
C TYR B 129 -11.66 -3.64 26.60
N SER B 130 -11.69 -4.91 26.99
CA SER B 130 -11.36 -5.35 28.36
C SER B 130 -10.30 -6.44 28.23
N VAL B 131 -9.41 -6.53 29.20
CA VAL B 131 -8.30 -7.55 29.15
C VAL B 131 -8.37 -8.40 30.41
N GLU B 132 -8.18 -9.70 30.26
CA GLU B 132 -8.06 -10.68 31.36
C GLU B 132 -6.85 -11.56 31.03
N PHE B 133 -6.40 -12.37 31.98
CA PHE B 133 -5.20 -13.22 31.81
C PHE B 133 -5.55 -14.61 32.31
N SER B 134 -5.11 -15.61 31.56
CA SER B 134 -5.02 -17.00 32.05
C SER B 134 -3.68 -17.17 32.77
N GLU B 135 -3.69 -17.81 33.94
CA GLU B 135 -2.51 -18.00 34.82
C GLU B 135 -1.65 -19.13 34.25
N GLU B 136 -2.23 -20.28 33.95
CA GLU B 136 -1.47 -21.49 33.56
C GLU B 136 -2.39 -22.42 32.80
N PRO B 137 -2.25 -22.58 31.46
CA PRO B 137 -1.22 -21.90 30.67
C PRO B 137 -1.49 -20.41 30.50
N PHE B 138 -0.43 -19.62 30.40
CA PHE B 138 -0.50 -18.15 30.25
C PHE B 138 -1.24 -17.80 28.95
N GLY B 139 -2.14 -16.85 29.02
CA GLY B 139 -2.76 -16.26 27.83
C GLY B 139 -3.22 -14.85 28.11
N VAL B 140 -3.28 -14.04 27.07
CA VAL B 140 -3.94 -12.70 27.11
C VAL B 140 -5.30 -12.86 26.44
N ILE B 141 -6.37 -12.42 27.10
CA ILE B 141 -7.74 -12.48 26.53
C ILE B 141 -8.22 -11.05 26.39
N VAL B 142 -8.57 -10.65 25.18
CA VAL B 142 -9.10 -9.30 24.93
C VAL B 142 -10.55 -9.45 24.44
N HIS B 143 -11.49 -8.82 25.15
CA HIS B 143 -12.93 -8.77 24.78
C HIS B 143 -13.23 -7.43 24.15
N ARG B 144 -14.16 -7.40 23.19
CA ARG B 144 -14.85 -6.13 22.83
C ARG B 144 -15.85 -5.85 23.97
N GLN B 145 -15.74 -4.73 24.66
CA GLN B 145 -16.60 -4.42 25.83
C GLN B 145 -18.08 -4.35 25.40
N LEU B 146 -18.39 -3.78 24.24
CA LEU B 146 -19.78 -3.44 23.86
C LEU B 146 -20.62 -4.72 23.77
N ASP B 147 -20.11 -5.78 23.13
CA ASP B 147 -20.88 -7.03 22.89
C ASP B 147 -20.22 -8.27 23.54
N GLY B 148 -19.13 -8.12 24.29
CA GLY B 148 -18.42 -9.26 24.93
C GLY B 148 -17.73 -10.23 23.96
N ARG B 149 -17.57 -9.88 22.68
CA ARG B 149 -16.95 -10.82 21.70
C ARG B 149 -15.47 -11.00 22.04
N VAL B 150 -14.97 -12.23 22.00
CA VAL B 150 -13.53 -12.53 22.25
C VAL B 150 -12.77 -12.22 20.96
N LEU B 151 -11.87 -11.24 20.99
CA LEU B 151 -11.09 -10.79 19.81
C LEU B 151 -9.72 -11.47 19.82
N LEU B 152 -9.04 -11.44 20.96
CA LEU B 152 -7.74 -12.12 21.17
C LEU B 152 -7.84 -13.11 22.33
N ASN B 153 -7.27 -14.29 22.15
CA ASN B 153 -7.18 -15.30 23.21
C ASN B 153 -5.91 -16.13 22.96
N THR B 154 -4.83 -15.79 23.63
CA THR B 154 -3.51 -16.43 23.36
C THR B 154 -3.37 -17.72 24.17
N THR B 155 -4.38 -18.09 24.97
CA THR B 155 -4.40 -19.35 25.78
C THR B 155 -4.57 -20.54 24.84
N VAL B 156 -4.97 -20.33 23.58
CA VAL B 156 -5.34 -21.45 22.65
C VAL B 156 -4.16 -22.34 22.33
N ALA B 157 -2.93 -21.85 22.47
CA ALA B 157 -1.72 -22.64 22.18
C ALA B 157 -0.61 -22.21 23.12
N PRO B 158 0.44 -23.01 23.27
CA PRO B 158 1.56 -22.66 24.17
C PRO B 158 2.27 -21.40 23.66
N LEU B 159 2.75 -20.58 24.58
CA LEU B 159 3.70 -19.50 24.23
C LEU B 159 5.09 -20.12 24.09
N PHE B 160 5.73 -19.89 22.96
CA PHE B 160 7.16 -20.24 22.74
C PHE B 160 7.96 -18.96 22.70
N PHE B 161 9.07 -18.92 23.42
CA PHE B 161 9.95 -17.73 23.43
C PHE B 161 11.37 -18.23 23.59
N ALA B 162 12.02 -18.52 22.48
CA ALA B 162 13.42 -18.96 22.38
C ALA B 162 14.20 -17.92 21.59
N ASP B 163 15.52 -17.95 21.69
CA ASP B 163 16.37 -16.88 21.10
C ASP B 163 16.02 -16.67 19.62
N GLN B 164 15.75 -17.74 18.87
CA GLN B 164 15.47 -17.63 17.41
C GLN B 164 14.13 -18.28 17.07
N PHE B 165 13.20 -18.34 18.02
CA PHE B 165 11.83 -18.83 17.73
C PHE B 165 10.84 -18.29 18.76
N LEU B 166 9.97 -17.41 18.29
CA LEU B 166 8.81 -16.90 19.06
C LEU B 166 7.54 -17.42 18.41
N GLN B 167 6.62 -17.94 19.21
CA GLN B 167 5.28 -18.33 18.73
C GLN B 167 4.22 -17.85 19.71
N LEU B 168 3.29 -17.06 19.18
CA LEU B 168 2.07 -16.59 19.89
C LEU B 168 0.86 -16.89 19.00
N SER B 169 -0.17 -17.52 19.56
CA SER B 169 -1.40 -17.90 18.83
C SER B 169 -2.58 -17.14 19.42
N THR B 170 -3.66 -17.08 18.65
CA THR B 170 -4.96 -16.56 19.08
C THR B 170 -6.07 -17.24 18.30
N SER B 171 -7.24 -17.32 18.93
CA SER B 171 -8.50 -17.50 18.21
C SER B 171 -8.71 -16.26 17.33
N LEU B 172 -9.38 -16.42 16.20
CA LEU B 172 -9.91 -15.28 15.42
C LEU B 172 -11.43 -15.26 15.59
N PRO B 173 -12.07 -14.09 15.48
CA PRO B 173 -13.51 -13.99 15.71
C PRO B 173 -14.38 -14.44 14.54
N SER B 174 -13.80 -14.67 13.36
CA SER B 174 -14.50 -15.05 12.11
C SER B 174 -13.50 -15.65 11.14
N GLN B 175 -13.98 -16.15 10.00
CA GLN B 175 -13.15 -16.72 8.93
C GLN B 175 -12.63 -15.58 8.02
N TYR B 176 -12.91 -14.30 8.36
CA TYR B 176 -12.64 -13.13 7.50
C TYR B 176 -11.51 -12.29 8.11
N ILE B 177 -10.38 -12.36 7.41
CA ILE B 177 -9.12 -11.70 7.84
C ILE B 177 -8.37 -11.22 6.59
N THR B 178 -7.84 -10.01 6.65
CA THR B 178 -7.07 -9.40 5.55
C THR B 178 -5.78 -8.80 6.09
N GLY B 179 -4.74 -8.72 5.25
CA GLY B 179 -3.45 -8.10 5.60
C GLY B 179 -2.29 -9.05 5.33
N LEU B 180 -1.21 -8.92 6.12
CA LEU B 180 -0.02 -9.80 6.05
C LEU B 180 0.56 -9.78 4.63
N ALA B 181 0.74 -8.61 4.04
CA ALA B 181 1.43 -8.39 2.75
C ALA B 181 2.91 -8.78 2.87
N GLU B 182 3.59 -9.10 1.77
CA GLU B 182 3.11 -8.94 0.40
C GLU B 182 3.00 -10.34 -0.23
N HIS B 183 1.80 -10.69 -0.66
CA HIS B 183 1.52 -12.00 -1.30
C HIS B 183 0.51 -11.77 -2.43
N LEU B 184 0.54 -12.64 -3.43
CA LEU B 184 -0.46 -12.62 -4.51
C LEU B 184 -1.62 -13.51 -4.04
N SER B 185 -2.69 -12.88 -3.59
CA SER B 185 -3.79 -13.59 -2.91
C SER B 185 -5.08 -12.77 -2.99
N PRO B 186 -6.25 -13.40 -2.76
CA PRO B 186 -7.49 -12.65 -2.53
C PRO B 186 -7.33 -11.70 -1.33
N LEU B 187 -8.12 -10.64 -1.29
CA LEU B 187 -8.03 -9.66 -0.19
C LEU B 187 -8.29 -10.39 1.13
N MET B 188 -9.31 -11.26 1.17
CA MET B 188 -9.61 -12.07 2.36
C MET B 188 -8.74 -13.32 2.27
N LEU B 189 -7.93 -13.56 3.31
CA LEU B 189 -6.91 -14.64 3.30
C LEU B 189 -7.61 -15.97 3.58
N SER B 190 -7.13 -17.04 2.98
CA SER B 190 -7.69 -18.40 3.25
C SER B 190 -7.29 -18.84 4.67
N THR B 191 -8.24 -19.30 5.48
CA THR B 191 -7.93 -19.89 6.82
C THR B 191 -7.76 -21.42 6.73
N SER B 192 -7.67 -22.00 5.53
CA SER B 192 -7.59 -23.48 5.34
C SER B 192 -6.14 -23.96 5.44
N TRP B 193 -5.53 -23.82 6.63
CA TRP B 193 -4.15 -24.29 6.89
C TRP B 193 -3.19 -23.59 5.95
N THR B 194 -3.14 -22.27 6.02
CA THR B 194 -2.37 -21.40 5.10
C THR B 194 -1.15 -20.91 5.87
N ARG B 195 0.03 -21.05 5.28
CA ARG B 195 1.30 -20.54 5.85
C ARG B 195 1.68 -19.30 5.04
N ILE B 196 1.70 -18.14 5.69
CA ILE B 196 2.06 -16.85 5.03
C ILE B 196 3.43 -16.43 5.52
N THR B 197 4.39 -16.29 4.61
CA THR B 197 5.81 -16.05 4.95
C THR B 197 6.15 -14.58 4.68
N LEU B 198 6.68 -13.91 5.69
CA LEU B 198 7.16 -12.50 5.62
C LEU B 198 8.70 -12.53 5.60
N TRP B 199 9.26 -12.41 4.40
CA TRP B 199 10.72 -12.32 4.19
C TRP B 199 10.96 -11.68 2.82
N ASN B 200 11.31 -10.40 2.82
CA ASN B 200 11.41 -9.61 1.59
C ASN B 200 12.27 -10.36 0.58
N ARG B 201 11.71 -10.57 -0.62
CA ARG B 201 12.32 -11.44 -1.63
C ARG B 201 11.99 -10.90 -3.02
N ASP B 202 13.01 -10.83 -3.86
CA ASP B 202 12.88 -10.51 -5.30
C ASP B 202 12.36 -11.78 -5.98
N LEU B 203 11.07 -11.78 -6.30
CA LEU B 203 10.42 -12.85 -7.09
C LEU B 203 9.22 -12.25 -7.80
N ALA B 204 9.04 -12.58 -9.07
CA ALA B 204 7.86 -12.12 -9.82
C ALA B 204 6.62 -12.62 -9.11
N PRO B 205 5.63 -11.76 -8.84
CA PRO B 205 4.45 -12.17 -8.07
C PRO B 205 3.80 -13.46 -8.60
N THR B 206 3.60 -14.38 -7.67
CA THR B 206 3.03 -15.73 -7.87
C THR B 206 2.43 -16.14 -6.53
N PRO B 207 1.32 -16.91 -6.50
CA PRO B 207 0.70 -17.32 -5.22
C PRO B 207 1.59 -18.22 -4.35
N GLY B 208 1.42 -18.16 -3.02
CA GLY B 208 2.10 -19.05 -2.07
C GLY B 208 3.56 -18.67 -1.86
N ALA B 209 4.01 -17.48 -2.27
CA ALA B 209 5.44 -17.09 -2.18
C ALA B 209 5.59 -15.82 -1.36
N ASN B 210 6.66 -15.74 -0.59
CA ASN B 210 7.08 -14.46 0.04
C ASN B 210 7.53 -13.50 -1.07
N LEU B 211 6.94 -12.32 -1.14
CA LEU B 211 7.30 -11.34 -2.20
C LEU B 211 8.09 -10.18 -1.59
N TYR B 212 8.03 -9.02 -2.21
CA TYR B 212 9.03 -7.95 -2.00
C TYR B 212 8.91 -7.31 -0.62
N GLY B 213 7.73 -7.34 0.00
CA GLY B 213 7.45 -6.58 1.24
C GLY B 213 6.87 -7.45 2.34
N SER B 214 6.89 -6.94 3.55
CA SER B 214 6.46 -7.65 4.77
C SER B 214 5.67 -6.68 5.64
N HIS B 215 4.41 -6.96 5.89
CA HIS B 215 3.54 -6.09 6.75
C HIS B 215 2.83 -6.97 7.76
N PRO B 216 3.39 -7.11 8.98
CA PRO B 216 2.81 -8.00 9.98
C PRO B 216 1.62 -7.36 10.74
N PHE B 217 0.57 -7.10 9.98
CA PHE B 217 -0.68 -6.50 10.45
C PHE B 217 -1.83 -7.25 9.83
N TYR B 218 -2.86 -7.55 10.62
CA TYR B 218 -4.13 -8.08 10.08
C TYR B 218 -5.30 -7.29 10.64
N LEU B 219 -6.35 -7.24 9.83
CA LEU B 219 -7.69 -6.71 10.17
C LEU B 219 -8.65 -7.88 10.11
N ALA B 220 -9.37 -8.11 11.19
CA ALA B 220 -10.28 -9.27 11.33
C ALA B 220 -11.71 -8.75 11.47
N LEU B 221 -12.60 -9.21 10.60
CA LEU B 221 -14.04 -8.83 10.65
C LEU B 221 -14.77 -9.67 11.70
N GLU B 222 -15.77 -9.07 12.31
CA GLU B 222 -16.64 -9.70 13.33
C GLU B 222 -18.07 -9.72 12.78
N ASP B 223 -18.82 -10.77 13.08
CA ASP B 223 -20.24 -10.88 12.70
C ASP B 223 -20.95 -9.57 13.09
N GLY B 224 -21.66 -8.94 12.14
CA GLY B 224 -22.38 -7.67 12.40
C GLY B 224 -21.67 -6.47 11.78
N GLY B 225 -20.38 -6.61 11.42
CA GLY B 225 -19.64 -5.56 10.68
C GLY B 225 -18.66 -4.76 11.52
N SER B 226 -18.45 -5.12 12.78
CA SER B 226 -17.36 -4.51 13.57
C SER B 226 -16.05 -5.21 13.18
N ALA B 227 -14.93 -4.61 13.53
CA ALA B 227 -13.61 -5.16 13.20
C ALA B 227 -12.58 -4.74 14.24
N HIS B 228 -11.48 -5.47 14.28
CA HIS B 228 -10.30 -5.07 15.07
C HIS B 228 -9.06 -5.37 14.21
N GLY B 229 -7.95 -4.79 14.60
CA GLY B 229 -6.65 -5.02 13.93
C GLY B 229 -5.60 -5.44 14.94
N VAL B 230 -4.61 -6.18 14.47
CA VAL B 230 -3.47 -6.62 15.29
C VAL B 230 -2.19 -6.37 14.49
N PHE B 231 -1.29 -5.65 15.11
CA PHE B 231 0.05 -5.36 14.59
C PHE B 231 1.09 -6.03 15.46
N LEU B 232 1.91 -6.91 14.88
CA LEU B 232 3.09 -7.45 15.60
C LEU B 232 4.33 -6.68 15.13
N LEU B 233 4.90 -5.82 15.97
CA LEU B 233 6.04 -4.97 15.59
C LEU B 233 7.32 -5.82 15.69
N ASN B 234 7.55 -6.62 14.65
CA ASN B 234 8.67 -7.59 14.58
C ASN B 234 9.11 -7.64 13.10
N SER B 235 10.39 -7.44 12.81
CA SER B 235 10.95 -7.33 11.44
C SER B 235 11.71 -8.60 11.09
N ASN B 236 11.67 -9.62 11.95
CA ASN B 236 12.36 -10.89 11.66
C ASN B 236 11.61 -11.69 10.60
N ALA B 237 12.30 -12.62 9.95
CA ALA B 237 11.67 -13.62 9.07
C ALA B 237 10.57 -14.27 9.89
N MET B 238 9.37 -14.37 9.33
CA MET B 238 8.27 -15.02 10.10
C MET B 238 7.30 -15.74 9.19
N ASP B 239 6.67 -16.76 9.77
CA ASP B 239 5.50 -17.46 9.20
C ASP B 239 4.31 -17.04 10.03
N VAL B 240 3.20 -16.80 9.36
CA VAL B 240 1.90 -16.65 10.03
C VAL B 240 1.02 -17.79 9.52
N VAL B 241 0.54 -18.62 10.42
CA VAL B 241 -0.25 -19.83 10.07
C VAL B 241 -1.71 -19.62 10.46
N LEU B 242 -2.60 -19.72 9.48
CA LEU B 242 -4.06 -19.54 9.66
C LEU B 242 -4.70 -20.93 9.61
N GLN B 243 -5.59 -21.22 10.55
CA GLN B 243 -6.30 -22.52 10.54
C GLN B 243 -7.79 -22.31 10.72
N PRO B 244 -8.60 -23.31 10.34
CA PRO B 244 -10.05 -23.13 10.17
C PRO B 244 -10.91 -23.09 11.44
N SER B 245 -10.32 -23.20 12.64
CA SER B 245 -11.09 -23.19 13.92
C SER B 245 -12.01 -21.98 14.12
N PRO B 246 -11.73 -20.68 13.81
CA PRO B 246 -10.52 -20.18 13.17
C PRO B 246 -9.50 -19.62 14.17
N ALA B 247 -8.22 -19.65 13.79
CA ALA B 247 -7.08 -19.27 14.66
C ALA B 247 -5.90 -18.84 13.78
N LEU B 248 -4.97 -18.14 14.40
CA LEU B 248 -3.75 -17.61 13.76
C LEU B 248 -2.57 -17.89 14.71
N SER B 249 -1.41 -18.25 14.16
CA SER B 249 -0.14 -18.35 14.93
C SER B 249 0.92 -17.44 14.29
N TRP B 250 1.48 -16.51 15.06
CA TRP B 250 2.68 -15.77 14.64
C TRP B 250 3.90 -16.64 14.98
N ARG B 251 4.80 -16.87 14.03
CA ARG B 251 6.04 -17.62 14.28
C ARG B 251 7.21 -16.82 13.75
N SER B 252 7.91 -16.16 14.64
CA SER B 252 9.04 -15.28 14.28
C SER B 252 10.36 -15.90 14.68
N THR B 253 11.41 -15.54 13.94
CA THR B 253 12.78 -16.10 14.10
C THR B 253 13.66 -15.19 14.97
N GLY B 254 13.08 -14.17 15.61
CA GLY B 254 13.88 -13.37 16.53
C GLY B 254 13.09 -12.23 17.15
N GLY B 255 13.83 -11.32 17.78
CA GLY B 255 13.22 -10.10 18.33
C GLY B 255 12.36 -10.38 19.55
N ILE B 256 11.34 -9.57 19.75
CA ILE B 256 10.42 -9.69 20.91
C ILE B 256 8.99 -9.73 20.41
N LEU B 257 8.06 -10.00 21.31
CA LEU B 257 6.62 -9.90 21.00
C LEU B 257 6.19 -8.52 21.43
N ASP B 258 5.90 -7.69 20.45
CA ASP B 258 5.43 -6.32 20.68
C ASP B 258 4.13 -6.19 19.90
N VAL B 259 3.00 -6.24 20.61
CA VAL B 259 1.66 -6.45 19.98
C VAL B 259 0.76 -5.24 20.26
N TYR B 260 0.19 -4.70 19.19
CA TYR B 260 -0.86 -3.65 19.26
C TYR B 260 -2.19 -4.23 18.83
N ILE B 261 -3.24 -3.93 19.59
CA ILE B 261 -4.62 -4.29 19.20
C ILE B 261 -5.42 -3.00 19.02
N PHE B 262 -6.07 -2.87 17.87
CA PHE B 262 -6.87 -1.67 17.52
C PHE B 262 -8.35 -2.07 17.48
N LEU B 263 -9.18 -1.38 18.26
CA LEU B 263 -10.57 -1.85 18.53
C LEU B 263 -11.61 -1.33 17.52
N GLY B 264 -11.27 -0.43 16.60
CA GLY B 264 -12.25 0.01 15.60
C GLY B 264 -13.29 0.90 16.26
N PRO B 265 -14.61 0.55 16.28
CA PRO B 265 -15.14 -0.71 15.76
C PRO B 265 -15.30 -0.84 14.23
N GLU B 266 -15.30 0.27 13.50
CA GLU B 266 -15.48 0.26 12.03
C GLU B 266 -14.14 -0.11 11.39
N PRO B 267 -14.14 -0.95 10.34
CA PRO B 267 -12.93 -1.22 9.58
C PRO B 267 -12.10 0.03 9.22
N LYS B 268 -12.76 1.13 8.83
CA LYS B 268 -12.02 2.36 8.45
C LYS B 268 -11.29 2.88 9.69
N SER B 269 -11.91 2.76 10.86
CA SER B 269 -11.34 3.21 12.17
C SER B 269 -10.16 2.31 12.55
N VAL B 270 -10.25 1.01 12.30
CA VAL B 270 -9.10 0.11 12.55
C VAL B 270 -7.89 0.59 11.72
N VAL B 271 -8.10 0.91 10.45
CA VAL B 271 -6.98 1.30 9.56
C VAL B 271 -6.40 2.61 10.09
N GLN B 272 -7.25 3.55 10.45
CA GLN B 272 -6.77 4.84 10.98
C GLN B 272 -5.99 4.63 12.28
N GLN B 273 -6.43 3.74 13.16
CA GLN B 273 -5.75 3.50 14.46
C GLN B 273 -4.38 2.86 14.21
N TYR B 274 -4.30 1.91 13.28
CA TYR B 274 -3.02 1.30 12.88
C TYR B 274 -2.07 2.39 12.37
N LEU B 275 -2.56 3.27 11.51
CA LEU B 275 -1.72 4.34 10.90
C LEU B 275 -1.33 5.39 11.94
N ASP B 276 -2.11 5.55 13.01
N ASP B 276 -2.08 5.52 13.03
CA ASP B 276 -1.70 6.38 14.18
CA ASP B 276 -1.71 6.38 14.19
C ASP B 276 -0.33 5.89 14.68
C ASP B 276 -0.45 5.86 14.89
N VAL B 277 -0.14 4.57 14.74
CA VAL B 277 1.12 3.98 15.26
C VAL B 277 2.21 4.05 14.17
N VAL B 278 1.97 3.57 12.94
CA VAL B 278 3.06 3.40 11.94
C VAL B 278 3.27 4.67 11.11
N GLY B 279 2.31 5.61 11.10
CA GLY B 279 2.43 6.87 10.34
C GLY B 279 1.36 6.99 9.26
N TYR B 280 0.78 8.17 9.17
CA TYR B 280 -0.17 8.53 8.10
C TYR B 280 0.60 8.64 6.79
N PRO B 281 -0.04 8.26 5.67
CA PRO B 281 0.55 8.36 4.35
C PRO B 281 1.06 9.78 4.05
N PHE B 282 2.21 9.81 3.37
CA PHE B 282 2.80 11.08 2.87
C PHE B 282 1.85 11.67 1.83
N MET B 283 1.90 12.99 1.70
CA MET B 283 1.15 13.72 0.67
C MET B 283 1.99 13.77 -0.60
N PRO B 284 1.57 13.16 -1.71
CA PRO B 284 2.32 13.24 -2.95
C PRO B 284 2.18 14.63 -3.58
N PRO B 285 3.13 15.00 -4.46
CA PRO B 285 2.95 16.16 -5.32
C PRO B 285 1.79 15.85 -6.26
N TYR B 286 1.01 16.86 -6.65
CA TYR B 286 -0.13 16.69 -7.58
C TYR B 286 0.30 16.01 -8.89
N TRP B 287 1.44 16.40 -9.46
CA TRP B 287 1.98 15.82 -10.72
C TRP B 287 2.16 14.31 -10.57
N GLY B 288 2.42 13.81 -9.36
CA GLY B 288 2.62 12.37 -9.12
C GLY B 288 1.36 11.56 -9.38
N LEU B 289 0.19 12.22 -9.44
CA LEU B 289 -1.11 11.55 -9.70
C LEU B 289 -1.42 11.53 -11.21
N GLY B 290 -0.59 12.16 -12.02
CA GLY B 290 -0.74 12.11 -13.49
C GLY B 290 -0.28 10.77 -14.04
N PHE B 291 -0.28 10.63 -15.36
CA PHE B 291 0.19 9.40 -16.02
C PHE B 291 1.71 9.39 -16.05
N HIS B 292 2.29 8.22 -15.76
CA HIS B 292 3.73 7.94 -15.83
C HIS B 292 3.98 6.89 -16.92
N LEU B 293 5.04 7.06 -17.69
CA LEU B 293 5.34 6.13 -18.80
C LEU B 293 6.83 5.79 -18.76
N CYS B 294 7.10 4.51 -18.81
CA CYS B 294 8.45 3.96 -18.61
C CYS B 294 8.58 2.68 -19.44
N ARG B 295 9.79 2.34 -19.84
CA ARG B 295 10.12 0.93 -20.17
C ARG B 295 11.61 0.74 -19.93
N TRP B 296 11.98 -0.52 -19.80
CA TRP B 296 13.37 -0.95 -19.98
C TRP B 296 13.58 -1.04 -21.50
N GLY B 297 14.49 -0.24 -22.06
CA GLY B 297 14.76 -0.25 -23.51
C GLY B 297 14.56 1.09 -24.20
N TYR B 298 14.24 2.18 -23.50
CA TYR B 298 14.39 3.54 -24.07
C TYR B 298 15.88 3.90 -23.98
N SER B 299 16.64 3.54 -25.00
CA SER B 299 18.11 3.36 -24.93
C SER B 299 18.84 4.64 -25.33
N SER B 300 18.13 5.73 -25.58
CA SER B 300 18.76 7.03 -25.87
C SER B 300 17.83 8.14 -25.46
N THR B 301 18.37 9.35 -25.35
CA THR B 301 17.56 10.58 -25.19
C THR B 301 16.70 10.80 -26.44
N ALA B 302 17.20 10.49 -27.63
CA ALA B 302 16.42 10.62 -28.89
C ALA B 302 15.17 9.75 -28.79
N ILE B 303 15.31 8.48 -28.43
CA ILE B 303 14.14 7.55 -28.32
C ILE B 303 13.19 8.07 -27.21
N THR B 304 13.75 8.52 -26.09
CA THR B 304 12.94 8.93 -24.91
C THR B 304 12.15 10.17 -25.32
N ARG B 305 12.78 11.10 -26.03
CA ARG B 305 12.06 12.29 -26.55
C ARG B 305 10.91 11.89 -27.50
N GLN B 306 11.11 10.86 -28.32
CA GLN B 306 10.09 10.36 -29.27
C GLN B 306 8.84 9.84 -28.54
N VAL B 307 9.00 9.32 -27.32
CA VAL B 307 7.87 8.81 -26.53
C VAL B 307 6.95 9.97 -26.21
N VAL B 308 7.53 11.04 -25.69
CA VAL B 308 6.75 12.24 -25.32
C VAL B 308 6.10 12.83 -26.59
N GLU B 309 6.88 12.93 -27.68
CA GLU B 309 6.37 13.44 -28.98
C GLU B 309 5.18 12.59 -29.42
N ASN B 310 5.31 11.26 -29.36
CA ASN B 310 4.28 10.34 -29.88
C ASN B 310 3.04 10.40 -28.99
N MET B 311 3.19 10.53 -27.67
CA MET B 311 2.03 10.68 -26.75
C MET B 311 1.31 11.98 -27.09
N THR B 312 2.08 13.05 -27.24
CA THR B 312 1.53 14.41 -27.45
C THR B 312 0.75 14.45 -28.77
N ARG B 313 1.35 13.98 -29.85
CA ARG B 313 0.71 14.05 -31.18
C ARG B 313 -0.60 13.25 -31.18
N ALA B 314 -0.72 12.19 -30.37
CA ALA B 314 -1.96 11.36 -30.28
C ALA B 314 -2.87 11.83 -29.13
N HIS B 315 -2.60 12.99 -28.53
CA HIS B 315 -3.46 13.63 -27.50
C HIS B 315 -3.56 12.74 -26.24
N PHE B 316 -2.49 12.05 -25.88
CA PHE B 316 -2.43 11.27 -24.61
C PHE B 316 -1.75 12.11 -23.53
N PRO B 317 -2.43 12.37 -22.41
CA PRO B 317 -1.81 13.02 -21.27
C PRO B 317 -0.61 12.22 -20.79
N LEU B 318 0.44 12.91 -20.40
CA LEU B 318 1.67 12.33 -19.82
C LEU B 318 2.29 13.38 -18.89
N ASP B 319 2.32 13.14 -17.58
CA ASP B 319 2.96 14.08 -16.63
C ASP B 319 4.44 13.73 -16.46
N VAL B 320 4.81 12.46 -16.52
CA VAL B 320 6.14 12.03 -16.04
C VAL B 320 6.74 11.02 -17.01
N GLN B 321 7.88 11.36 -17.58
CA GLN B 321 8.68 10.45 -18.42
C GLN B 321 9.72 9.79 -17.52
N TRP B 322 9.88 8.48 -17.66
CA TRP B 322 10.82 7.71 -16.83
C TRP B 322 11.90 7.11 -17.73
N ASN B 323 13.06 6.82 -17.15
CA ASN B 323 14.05 5.88 -17.75
C ASN B 323 14.36 4.80 -16.72
N ASP B 324 14.62 3.61 -17.23
CA ASP B 324 15.21 2.47 -16.49
C ASP B 324 16.74 2.49 -16.59
N LEU B 325 17.41 1.33 -16.50
CA LEU B 325 18.89 1.16 -16.48
C LEU B 325 19.55 1.81 -17.71
N ASP B 326 18.83 2.02 -18.81
CA ASP B 326 19.34 2.59 -20.09
C ASP B 326 20.20 3.83 -19.85
N TYR B 327 19.82 4.72 -18.93
CA TYR B 327 20.51 6.04 -18.80
C TYR B 327 21.93 5.85 -18.26
N MET B 328 22.17 4.79 -17.49
CA MET B 328 23.39 4.71 -16.67
C MET B 328 24.63 4.44 -17.54
N ASP B 329 25.80 4.71 -16.96
CA ASP B 329 27.08 4.22 -17.53
C ASP B 329 27.39 2.84 -16.94
N SER B 330 27.29 1.78 -17.76
CA SER B 330 27.59 0.38 -17.37
C SER B 330 26.74 0.02 -16.15
N ARG B 331 25.47 0.44 -16.16
CA ARG B 331 24.43 0.08 -15.15
C ARG B 331 24.87 0.50 -13.74
N ARG B 332 25.52 1.66 -13.60
CA ARG B 332 25.96 2.19 -12.30
C ARG B 332 25.11 3.40 -11.91
N ASP B 333 24.69 3.45 -10.63
CA ASP B 333 23.99 4.60 -10.04
C ASP B 333 24.82 5.88 -10.21
N PHE B 334 24.13 7.01 -10.33
CA PHE B 334 24.74 8.37 -10.27
C PHE B 334 25.75 8.52 -11.41
N THR B 335 25.49 7.88 -12.54
CA THR B 335 26.24 8.09 -13.80
C THR B 335 25.25 8.22 -14.94
N PHE B 336 25.70 8.76 -16.08
CA PHE B 336 24.95 8.58 -17.34
C PHE B 336 25.94 8.33 -18.47
N ASN B 337 25.56 7.47 -19.41
CA ASN B 337 26.48 7.07 -20.51
C ASN B 337 26.58 8.23 -21.50
N LYS B 338 27.69 8.31 -22.23
CA LYS B 338 28.02 9.44 -23.13
C LYS B 338 27.80 9.00 -24.58
N ASP B 339 27.05 7.90 -24.76
CA ASP B 339 26.54 7.46 -26.08
C ASP B 339 25.09 7.98 -26.25
N GLY B 340 24.10 7.12 -26.00
CA GLY B 340 22.67 7.46 -26.10
C GLY B 340 22.28 8.58 -25.17
N PHE B 341 22.96 8.77 -24.04
CA PHE B 341 22.51 9.73 -22.99
C PHE B 341 23.48 10.88 -22.83
N ARG B 342 24.29 11.16 -23.85
CA ARG B 342 25.29 12.26 -23.76
C ARG B 342 24.60 13.57 -23.35
N ASP B 343 23.41 13.86 -23.87
CA ASP B 343 22.70 15.14 -23.60
C ASP B 343 21.55 14.92 -22.61
N PHE B 344 21.74 14.02 -21.65
CA PHE B 344 20.74 13.70 -20.60
C PHE B 344 20.28 14.97 -19.89
N PRO B 345 21.17 15.87 -19.41
CA PRO B 345 20.72 17.06 -18.71
C PRO B 345 19.75 17.90 -19.56
N ALA B 346 20.08 18.09 -20.84
CA ALA B 346 19.26 18.90 -21.76
C ALA B 346 17.88 18.23 -21.91
N MET B 347 17.83 16.92 -22.04
CA MET B 347 16.54 16.20 -22.20
C MET B 347 15.64 16.52 -21.01
N VAL B 348 16.17 16.46 -19.79
CA VAL B 348 15.35 16.64 -18.57
C VAL B 348 14.91 18.09 -18.45
N GLN B 349 15.81 19.03 -18.76
CA GLN B 349 15.48 20.47 -18.74
C GLN B 349 14.33 20.75 -19.73
N GLU B 350 14.37 20.15 -20.91
CA GLU B 350 13.33 20.32 -21.96
C GLU B 350 12.01 19.75 -21.45
N LEU B 351 12.01 18.59 -20.77
CA LEU B 351 10.77 18.03 -20.19
C LEU B 351 10.15 19.07 -19.26
N HIS B 352 10.97 19.69 -18.42
CA HIS B 352 10.49 20.68 -17.43
C HIS B 352 9.94 21.90 -18.18
N GLN B 353 10.61 22.32 -19.25
CA GLN B 353 10.15 23.49 -20.07
C GLN B 353 8.75 23.22 -20.62
N GLY B 354 8.42 21.97 -20.95
CA GLY B 354 7.08 21.59 -21.45
C GLY B 354 6.07 21.31 -20.35
N GLY B 355 6.42 21.41 -19.06
CA GLY B 355 5.49 21.25 -17.93
C GLY B 355 5.40 19.81 -17.46
N ARG B 356 6.40 18.99 -17.78
CA ARG B 356 6.44 17.56 -17.36
C ARG B 356 7.55 17.35 -16.32
N ARG B 357 7.52 16.19 -15.66
CA ARG B 357 8.52 15.80 -14.65
C ARG B 357 9.26 14.58 -15.16
N TYR B 358 10.35 14.25 -14.48
CA TYR B 358 11.27 13.17 -14.89
C TYR B 358 11.60 12.31 -13.67
N MET B 359 11.54 11.00 -13.88
CA MET B 359 11.93 10.00 -12.87
CA MET B 359 11.87 9.96 -12.87
C MET B 359 12.88 8.97 -13.47
N MET B 360 13.74 8.44 -12.64
CA MET B 360 14.64 7.38 -13.14
C MET B 360 14.92 6.36 -12.04
N ILE B 361 15.32 5.18 -12.46
CA ILE B 361 15.60 4.06 -11.53
C ILE B 361 16.91 4.34 -10.79
N VAL B 362 16.93 3.98 -9.52
CA VAL B 362 18.13 3.95 -8.65
C VAL B 362 18.14 2.60 -7.94
N ASP B 363 19.25 1.85 -8.03
CA ASP B 363 19.43 0.54 -7.35
C ASP B 363 20.18 0.78 -6.05
N PRO B 364 20.07 -0.09 -5.03
CA PRO B 364 20.83 0.17 -3.79
C PRO B 364 22.32 -0.13 -3.94
N ALA B 365 22.66 -1.21 -4.64
CA ALA B 365 24.03 -1.77 -4.69
C ALA B 365 24.95 -0.90 -5.56
N ILE B 366 26.18 -0.72 -5.08
CA ILE B 366 27.21 0.22 -5.63
C ILE B 366 28.37 -0.59 -6.18
N SER B 367 28.66 -0.40 -7.46
CA SER B 367 29.79 -1.02 -8.18
C SER B 367 31.06 -0.89 -7.34
N SER B 368 31.70 -2.03 -7.05
CA SER B 368 32.89 -2.13 -6.17
C SER B 368 34.14 -2.47 -6.99
N SER B 369 34.04 -2.65 -8.31
CA SER B 369 35.12 -3.29 -9.11
C SER B 369 35.91 -2.24 -9.90
N GLY B 370 35.51 -0.98 -9.86
CA GLY B 370 36.11 0.05 -10.74
C GLY B 370 37.50 0.38 -10.23
N PRO B 371 38.41 0.95 -11.05
CA PRO B 371 39.70 1.38 -10.52
C PRO B 371 39.48 2.35 -9.35
N ALA B 372 40.29 2.23 -8.30
CA ALA B 372 40.23 3.13 -7.13
C ALA B 372 40.30 4.57 -7.63
N GLY B 373 39.42 5.44 -7.14
CA GLY B 373 39.44 6.88 -7.50
C GLY B 373 38.62 7.20 -8.74
N SER B 374 38.05 6.21 -9.44
CA SER B 374 37.33 6.42 -10.72
C SER B 374 35.79 6.44 -10.54
N TYR B 375 35.23 6.13 -9.36
CA TYR B 375 33.76 6.02 -9.18
C TYR B 375 33.39 6.47 -7.76
N ARG B 376 33.07 7.75 -7.65
CA ARG B 376 32.89 8.47 -6.37
C ARG B 376 31.91 7.74 -5.44
N PRO B 377 30.72 7.24 -5.87
CA PRO B 377 29.80 6.61 -4.93
C PRO B 377 30.47 5.51 -4.12
N TYR B 378 31.26 4.67 -4.79
CA TYR B 378 32.02 3.59 -4.10
C TYR B 378 33.16 4.18 -3.28
N ASP B 379 33.97 5.05 -3.90
CA ASP B 379 35.22 5.58 -3.28
C ASP B 379 34.84 6.32 -2.01
N GLU B 380 33.82 7.17 -2.08
CA GLU B 380 33.34 7.97 -0.92
C GLU B 380 32.63 7.05 0.08
N GLY B 381 31.90 6.04 -0.40
CA GLY B 381 31.19 5.10 0.51
C GLY B 381 32.21 4.34 1.34
N LEU B 382 33.32 3.95 0.71
CA LEU B 382 34.41 3.20 1.35
C LEU B 382 35.05 4.09 2.43
N ARG B 383 35.31 5.33 2.09
CA ARG B 383 35.96 6.31 3.00
C ARG B 383 35.11 6.46 4.26
N ARG B 384 33.79 6.55 4.10
CA ARG B 384 32.87 6.93 5.20
C ARG B 384 32.31 5.69 5.89
N GLY B 385 32.62 4.49 5.41
CA GLY B 385 32.20 3.21 6.02
C GLY B 385 30.70 2.99 5.90
N VAL B 386 30.11 3.23 4.72
CA VAL B 386 28.62 3.24 4.55
C VAL B 386 28.10 1.85 4.27
N PHE B 387 28.95 0.86 4.01
CA PHE B 387 28.45 -0.41 3.45
C PHE B 387 28.25 -1.44 4.55
N ILE B 388 27.36 -2.37 4.27
CA ILE B 388 27.15 -3.58 5.11
C ILE B 388 28.45 -4.37 5.06
N THR B 389 28.91 -4.87 6.20
CA THR B 389 30.24 -5.50 6.29
C THR B 389 30.08 -6.97 6.67
N ASN B 390 31.13 -7.73 6.39
CA ASN B 390 31.17 -9.16 6.73
C ASN B 390 32.00 -9.41 7.98
N GLU B 391 32.26 -10.69 8.26
CA GLU B 391 32.87 -11.17 9.52
C GLU B 391 34.20 -10.45 9.77
N THR B 392 34.98 -10.16 8.71
CA THR B 392 36.34 -9.56 8.85
C THR B 392 36.26 -8.03 8.84
N GLY B 393 35.07 -7.45 8.69
CA GLY B 393 34.87 -5.99 8.71
C GLY B 393 35.00 -5.37 7.33
N GLN B 394 35.13 -6.15 6.27
CA GLN B 394 35.23 -5.59 4.90
C GLN B 394 33.83 -5.54 4.30
N PRO B 395 33.59 -4.73 3.24
CA PRO B 395 32.27 -4.66 2.62
C PRO B 395 31.83 -6.03 2.09
N LEU B 396 30.59 -6.40 2.38
CA LEU B 396 30.03 -7.62 1.79
C LEU B 396 29.88 -7.36 0.30
N ILE B 397 30.41 -8.23 -0.55
CA ILE B 397 30.34 -8.05 -2.03
C ILE B 397 29.36 -9.08 -2.58
N GLY B 398 28.36 -8.61 -3.32
CA GLY B 398 27.42 -9.47 -4.04
C GLY B 398 27.49 -9.16 -5.52
N LYS B 399 26.49 -9.55 -6.28
CA LYS B 399 26.41 -9.32 -7.73
C LYS B 399 25.04 -8.75 -8.05
N VAL B 400 25.03 -7.58 -8.68
CA VAL B 400 23.78 -7.04 -9.28
C VAL B 400 24.15 -6.48 -10.67
N TRP B 401 23.43 -5.48 -11.17
CA TRP B 401 23.52 -5.09 -12.59
C TRP B 401 24.94 -4.72 -13.00
N PRO B 402 25.71 -3.92 -12.23
CA PRO B 402 27.03 -3.49 -12.70
C PRO B 402 28.09 -4.58 -12.56
N GLY B 403 27.75 -5.72 -11.96
CA GLY B 403 28.69 -6.78 -11.56
C GLY B 403 28.83 -6.80 -10.04
N SER B 404 30.07 -6.86 -9.56
CA SER B 404 30.43 -6.89 -8.12
C SER B 404 29.92 -5.60 -7.49
N THR B 405 29.21 -5.71 -6.36
CA THR B 405 28.61 -4.56 -5.68
C THR B 405 28.71 -4.67 -4.16
N ALA B 406 28.79 -3.51 -3.50
CA ALA B 406 28.63 -3.39 -2.04
C ALA B 406 27.21 -2.86 -1.77
N PHE B 407 26.69 -3.15 -0.59
CA PHE B 407 25.28 -2.80 -0.23
C PHE B 407 25.29 -1.72 0.85
N PRO B 408 24.73 -0.52 0.57
CA PRO B 408 24.67 0.51 1.60
C PRO B 408 23.89 0.04 2.83
N ASP B 409 24.34 0.49 4.00
CA ASP B 409 23.67 0.24 5.28
C ASP B 409 22.81 1.47 5.61
N PHE B 410 21.53 1.47 5.26
CA PHE B 410 20.68 2.66 5.50
C PHE B 410 20.24 2.76 6.98
N THR B 411 20.79 1.97 7.91
CA THR B 411 20.62 2.20 9.36
C THR B 411 21.80 3.03 9.90
N ASN B 412 22.84 3.26 9.09
CA ASN B 412 24.05 3.98 9.50
C ASN B 412 23.82 5.47 9.22
N PRO B 413 23.79 6.35 10.23
CA PRO B 413 23.61 7.78 9.98
C PRO B 413 24.59 8.36 8.95
N THR B 414 25.82 7.81 8.88
CA THR B 414 26.85 8.29 7.92
C THR B 414 26.45 7.89 6.50
N ALA B 415 25.89 6.69 6.30
CA ALA B 415 25.33 6.26 5.00
C ALA B 415 24.19 7.18 4.57
N LEU B 416 23.35 7.64 5.50
CA LEU B 416 22.25 8.60 5.15
C LEU B 416 22.88 9.88 4.59
N ALA B 417 23.94 10.39 5.23
CA ALA B 417 24.66 11.62 4.79
C ALA B 417 25.30 11.39 3.40
N TRP B 418 25.93 10.25 3.20
CA TRP B 418 26.54 9.85 1.90
C TRP B 418 25.46 9.77 0.81
N TRP B 419 24.31 9.19 1.09
CA TRP B 419 23.20 9.03 0.11
C TRP B 419 22.66 10.40 -0.25
N GLU B 420 22.48 11.27 0.74
CA GLU B 420 22.04 12.66 0.50
C GLU B 420 23.01 13.36 -0.45
N ASP B 421 24.31 13.22 -0.21
CA ASP B 421 25.38 13.84 -1.04
C ASP B 421 25.35 13.26 -2.46
N MET B 422 25.26 11.95 -2.62
CA MET B 422 25.27 11.33 -3.97
C MET B 422 24.04 11.79 -4.75
N VAL B 423 22.86 11.83 -4.12
CA VAL B 423 21.60 12.28 -4.76
C VAL B 423 21.70 13.77 -5.12
N ALA B 424 22.12 14.61 -4.20
CA ALA B 424 22.26 16.07 -4.44
C ALA B 424 23.29 16.33 -5.56
N GLU B 425 24.44 15.66 -5.56
CA GLU B 425 25.48 15.88 -6.61
C GLU B 425 24.94 15.44 -7.97
N PHE B 426 24.26 14.30 -8.03
CA PHE B 426 23.72 13.81 -9.33
C PHE B 426 22.61 14.77 -9.79
N HIS B 427 21.80 15.27 -8.86
CA HIS B 427 20.68 16.20 -9.18
C HIS B 427 21.24 17.52 -9.73
N ASP B 428 22.44 17.93 -9.31
CA ASP B 428 23.16 19.12 -9.87
C ASP B 428 23.54 18.88 -11.33
N GLN B 429 23.76 17.63 -11.75
CA GLN B 429 24.00 17.29 -13.16
C GLN B 429 22.69 17.16 -13.93
N VAL B 430 21.72 16.42 -13.38
CA VAL B 430 20.44 16.07 -14.07
C VAL B 430 19.31 16.31 -13.09
N PRO B 431 18.41 17.30 -13.31
CA PRO B 431 17.43 17.69 -12.30
C PRO B 431 16.18 16.79 -12.30
N PHE B 432 16.37 15.52 -11.93
CA PHE B 432 15.27 14.54 -11.77
C PHE B 432 14.33 14.96 -10.64
N ASP B 433 13.06 14.52 -10.70
CA ASP B 433 11.97 15.02 -9.82
C ASP B 433 11.60 14.00 -8.74
N GLY B 434 12.24 12.84 -8.75
CA GLY B 434 11.94 11.78 -7.77
C GLY B 434 12.85 10.61 -7.99
N MET B 435 12.64 9.53 -7.25
CA MET B 435 13.51 8.35 -7.36
C MET B 435 12.62 7.11 -7.37
N TRP B 436 12.90 6.25 -8.31
CA TRP B 436 12.31 4.91 -8.41
C TRP B 436 13.34 3.96 -7.81
N ILE B 437 13.10 3.46 -6.59
CA ILE B 437 14.12 2.62 -5.90
C ILE B 437 13.71 1.16 -6.04
N ASP B 438 14.51 0.42 -6.78
CA ASP B 438 14.26 -1.00 -7.15
C ASP B 438 15.29 -1.90 -6.43
N MET B 439 15.08 -3.22 -6.46
CA MET B 439 16.08 -4.25 -6.09
C MET B 439 16.46 -4.09 -4.61
N ASN B 440 15.54 -3.55 -3.78
CA ASN B 440 15.89 -3.09 -2.41
C ASN B 440 15.34 -4.07 -1.36
N GLU B 441 15.26 -5.35 -1.72
CA GLU B 441 14.98 -6.43 -0.75
C GLU B 441 16.04 -6.64 0.34
N PRO B 442 17.38 -6.56 0.15
CA PRO B 442 18.09 -6.25 -1.09
C PRO B 442 18.27 -7.48 -1.99
N SER B 443 18.09 -7.30 -3.29
CA SER B 443 18.21 -8.36 -4.30
C SER B 443 19.69 -8.64 -4.58
N ASN B 444 20.07 -9.91 -4.65
CA ASN B 444 21.45 -10.35 -4.94
C ASN B 444 21.36 -11.44 -6.02
N PHE B 445 22.13 -11.32 -7.10
CA PHE B 445 22.10 -12.32 -8.21
C PHE B 445 22.78 -13.61 -7.80
N ILE B 446 23.51 -13.61 -6.70
CA ILE B 446 24.19 -14.83 -6.19
C ILE B 446 23.74 -15.01 -4.74
N ARG B 447 24.04 -16.15 -4.15
CA ARG B 447 23.53 -16.49 -2.79
C ARG B 447 24.48 -15.92 -1.75
N GLY B 448 24.03 -14.92 -0.99
CA GLY B 448 24.79 -14.44 0.17
C GLY B 448 25.84 -13.41 -0.20
N SER B 449 26.97 -13.85 -0.72
CA SER B 449 28.09 -12.99 -1.15
C SER B 449 28.98 -13.77 -2.11
N GLU B 450 29.86 -13.08 -2.80
CA GLU B 450 30.90 -13.67 -3.69
C GLU B 450 31.72 -14.67 -2.89
N ASP B 451 31.85 -14.46 -1.58
CA ASP B 451 32.68 -15.30 -0.68
C ASP B 451 31.80 -16.25 0.12
N GLY B 452 30.56 -16.46 -0.31
CA GLY B 452 29.55 -17.26 0.41
C GLY B 452 29.26 -16.69 1.79
N CYS B 453 28.77 -17.54 2.69
CA CYS B 453 28.37 -17.10 4.05
C CYS B 453 28.98 -18.04 5.06
N PRO B 454 29.31 -17.54 6.26
CA PRO B 454 29.83 -18.39 7.31
C PRO B 454 28.78 -19.38 7.81
N ASN B 455 29.24 -20.37 8.55
CA ASN B 455 28.35 -21.39 9.16
C ASN B 455 28.10 -20.92 10.58
N ASN B 456 26.97 -20.26 10.84
CA ASN B 456 26.58 -19.86 12.21
C ASN B 456 25.06 -19.98 12.33
N GLU B 457 24.52 -19.69 13.51
CA GLU B 457 23.08 -19.89 13.84
C GLU B 457 22.21 -18.86 13.14
N LEU B 458 22.75 -17.72 12.72
CA LEU B 458 21.96 -16.73 11.92
C LEU B 458 21.78 -17.21 10.47
N GLU B 459 22.81 -17.78 9.88
CA GLU B 459 22.78 -18.30 8.48
C GLU B 459 21.98 -19.61 8.45
N ASN B 460 22.08 -20.40 9.52
CA ASN B 460 21.44 -21.74 9.61
C ASN B 460 20.59 -21.79 10.88
N PRO B 461 19.43 -21.10 10.92
CA PRO B 461 18.65 -20.97 12.16
C PRO B 461 17.84 -22.23 12.46
N PRO B 462 17.44 -22.43 13.73
CA PRO B 462 16.72 -23.66 14.12
C PRO B 462 15.34 -23.76 13.44
N TYR B 463 14.72 -22.64 13.10
CA TYR B 463 13.43 -22.62 12.38
C TYR B 463 13.56 -21.74 11.15
N VAL B 464 13.41 -22.34 9.99
CA VAL B 464 13.43 -21.58 8.71
C VAL B 464 12.00 -21.45 8.21
N PRO B 465 11.46 -20.23 8.14
CA PRO B 465 10.11 -20.01 7.62
C PRO B 465 10.03 -20.42 6.13
N GLY B 466 8.81 -20.51 5.59
CA GLY B 466 8.57 -21.11 4.27
C GLY B 466 9.02 -20.22 3.12
N VAL B 467 10.25 -19.74 3.14
CA VAL B 467 10.74 -18.79 2.10
C VAL B 467 11.02 -19.57 0.81
N VAL B 468 10.78 -18.96 -0.34
CA VAL B 468 11.27 -19.53 -1.63
C VAL B 468 12.77 -19.77 -1.54
N GLY B 469 13.20 -20.97 -1.91
CA GLY B 469 14.63 -21.35 -1.94
C GLY B 469 15.05 -22.03 -0.65
N GLY B 470 14.19 -21.99 0.38
CA GLY B 470 14.38 -22.74 1.63
C GLY B 470 15.52 -22.21 2.48
N THR B 471 16.00 -21.01 2.24
CA THR B 471 17.10 -20.42 3.04
C THR B 471 16.89 -18.90 3.06
N LEU B 472 17.27 -18.28 4.16
CA LEU B 472 17.21 -16.80 4.29
C LEU B 472 18.20 -16.13 3.30
N GLN B 473 19.22 -16.84 2.82
CA GLN B 473 20.31 -16.27 1.97
CA GLN B 473 20.31 -16.27 1.96
C GLN B 473 19.84 -16.20 0.50
N ALA B 474 18.82 -16.96 0.12
CA ALA B 474 18.45 -17.09 -1.31
C ALA B 474 18.08 -15.71 -1.88
N ALA B 475 18.74 -15.33 -2.99
CA ALA B 475 18.50 -14.07 -3.75
C ALA B 475 18.79 -12.84 -2.90
N THR B 476 19.57 -12.97 -1.84
CA THR B 476 19.89 -11.79 -0.97
C THR B 476 21.28 -11.96 -0.35
N ILE B 477 21.58 -11.18 0.68
CA ILE B 477 22.94 -11.12 1.28
C ILE B 477 22.95 -11.97 2.55
N CYS B 478 24.13 -12.20 3.10
CA CYS B 478 24.33 -13.06 4.28
C CYS B 478 23.49 -12.49 5.44
N ALA B 479 22.78 -13.36 6.14
CA ALA B 479 21.99 -13.01 7.34
C ALA B 479 22.88 -12.54 8.49
N SER B 480 24.17 -12.92 8.56
CA SER B 480 25.02 -12.58 9.73
C SER B 480 25.85 -11.34 9.41
N SER B 481 25.64 -10.75 8.24
CA SER B 481 26.31 -9.49 7.84
C SER B 481 25.94 -8.39 8.83
N HIS B 482 26.81 -7.38 8.94
CA HIS B 482 26.75 -6.35 9.99
C HIS B 482 26.15 -5.06 9.40
N GLN B 483 25.20 -4.51 10.12
CA GLN B 483 24.65 -3.15 9.92
C GLN B 483 24.84 -2.36 11.21
N PHE B 484 24.69 -1.05 11.11
CA PHE B 484 24.93 -0.15 12.26
C PHE B 484 24.04 -0.56 13.45
N LEU B 485 22.75 -0.85 13.22
CA LEU B 485 21.78 -1.08 14.34
C LEU B 485 21.81 -2.54 14.80
N SER B 486 22.11 -3.48 13.93
CA SER B 486 21.99 -4.91 14.28
C SER B 486 22.52 -5.73 13.11
N THR B 487 22.34 -7.04 13.16
CA THR B 487 22.66 -7.93 12.03
C THR B 487 21.57 -7.82 10.95
N HIS B 488 21.92 -8.19 9.74
CA HIS B 488 20.98 -8.25 8.60
C HIS B 488 19.83 -9.22 8.94
N TYR B 489 20.10 -10.25 9.72
CA TYR B 489 19.06 -11.21 10.18
C TYR B 489 17.83 -10.48 10.75
N ASN B 490 18.06 -9.49 11.60
CA ASN B 490 17.01 -8.71 12.27
C ASN B 490 16.49 -7.61 11.35
N LEU B 491 17.32 -7.05 10.47
CA LEU B 491 17.00 -5.79 9.75
C LEU B 491 16.56 -6.04 8.31
N HIS B 492 16.72 -7.25 7.79
CA HIS B 492 16.46 -7.53 6.35
C HIS B 492 15.12 -6.94 5.90
N ASN B 493 14.03 -7.20 6.65
CA ASN B 493 12.66 -6.82 6.21
C ASN B 493 12.51 -5.31 6.24
N LEU B 494 13.44 -4.59 6.87
CA LEU B 494 13.44 -3.10 6.85
C LEU B 494 14.32 -2.51 5.75
N TYR B 495 15.06 -3.30 4.97
CA TYR B 495 16.09 -2.72 4.08
C TYR B 495 15.44 -1.69 3.14
N GLY B 496 14.39 -2.10 2.42
CA GLY B 496 13.69 -1.21 1.48
C GLY B 496 13.14 0.03 2.17
N LEU B 497 12.46 -0.15 3.29
CA LEU B 497 11.91 0.97 4.08
C LEU B 497 13.05 1.95 4.45
N THR B 498 14.18 1.45 4.95
CA THR B 498 15.33 2.34 5.35
C THR B 498 15.85 3.10 4.13
N GLU B 499 15.96 2.46 2.97
CA GLU B 499 16.33 3.17 1.73
C GLU B 499 15.25 4.22 1.36
N ALA B 500 13.96 3.92 1.53
CA ALA B 500 12.87 4.89 1.21
C ALA B 500 12.99 6.11 2.13
N ILE B 501 13.28 5.89 3.41
CA ILE B 501 13.46 7.02 4.37
C ILE B 501 14.67 7.85 3.92
N ALA B 502 15.78 7.21 3.60
CA ALA B 502 17.03 7.91 3.21
C ALA B 502 16.78 8.75 1.94
N SER B 503 16.05 8.18 1.00
CA SER B 503 15.74 8.78 -0.33
C SER B 503 14.76 9.95 -0.17
N HIS B 504 13.74 9.79 0.65
CA HIS B 504 12.76 10.84 1.02
C HIS B 504 13.56 12.05 1.55
N ARG B 505 14.43 11.82 2.54
CA ARG B 505 15.26 12.90 3.14
C ARG B 505 16.16 13.52 2.05
N ALA B 506 16.84 12.69 1.26
CA ALA B 506 17.77 13.14 0.19
C ALA B 506 17.05 14.06 -0.79
N LEU B 507 15.82 13.72 -1.15
CA LEU B 507 15.04 14.47 -2.17
C LEU B 507 14.54 15.79 -1.57
N VAL B 508 14.20 15.79 -0.28
CA VAL B 508 13.79 17.04 0.42
C VAL B 508 14.97 18.00 0.40
N LYS B 509 16.17 17.52 0.72
CA LYS B 509 17.37 18.40 0.80
C LYS B 509 17.77 18.85 -0.61
N ALA B 510 17.67 17.98 -1.61
CA ALA B 510 18.16 18.30 -2.97
C ALA B 510 17.19 19.27 -3.67
N ARG B 511 15.90 19.15 -3.46
CA ARG B 511 14.90 19.87 -4.30
C ARG B 511 14.13 20.92 -3.49
N GLY B 512 13.98 20.76 -2.17
CA GLY B 512 13.26 21.72 -1.32
C GLY B 512 11.73 21.66 -1.50
N THR B 513 11.20 20.64 -2.18
CA THR B 513 9.75 20.42 -2.34
C THR B 513 9.43 18.96 -1.99
N ARG B 514 8.17 18.61 -1.94
CA ARG B 514 7.69 17.27 -1.58
C ARG B 514 8.38 16.18 -2.39
N PRO B 515 8.89 15.13 -1.72
CA PRO B 515 9.55 14.05 -2.44
C PRO B 515 8.56 13.08 -3.10
N PHE B 516 9.02 12.39 -4.13
CA PHE B 516 8.24 11.36 -4.83
C PHE B 516 9.14 10.13 -4.97
N VAL B 517 8.90 9.14 -4.12
CA VAL B 517 9.71 7.90 -4.03
C VAL B 517 8.76 6.75 -4.30
N ILE B 518 9.12 5.89 -5.26
CA ILE B 518 8.35 4.65 -5.54
C ILE B 518 9.30 3.50 -5.27
N SER B 519 8.91 2.58 -4.39
CA SER B 519 9.80 1.53 -3.85
C SER B 519 9.23 0.16 -4.15
N ARG B 520 10.11 -0.79 -4.48
CA ARG B 520 9.67 -2.19 -4.64
C ARG B 520 9.46 -2.81 -3.27
N SER B 521 10.51 -2.85 -2.48
CA SER B 521 10.47 -3.50 -1.16
C SER B 521 9.90 -2.55 -0.12
N THR B 522 9.06 -3.08 0.77
CA THR B 522 8.37 -2.29 1.82
C THR B 522 8.31 -3.06 3.14
N PHE B 523 8.00 -2.31 4.18
CA PHE B 523 7.65 -2.79 5.52
C PHE B 523 6.55 -1.88 6.07
N ALA B 524 5.90 -2.34 7.13
CA ALA B 524 4.88 -1.58 7.87
C ALA B 524 5.41 -0.17 8.09
N GLY B 525 4.59 0.82 7.76
CA GLY B 525 4.94 2.25 7.94
C GLY B 525 5.59 2.86 6.72
N HIS B 526 5.79 2.10 5.66
CA HIS B 526 6.40 2.59 4.39
C HIS B 526 5.68 3.81 3.82
N GLY B 527 4.35 3.83 3.92
CA GLY B 527 3.48 4.84 3.30
C GLY B 527 3.70 6.23 3.83
N ARG B 528 4.27 6.35 5.02
CA ARG B 528 4.70 7.66 5.58
C ARG B 528 5.80 8.30 4.73
N TYR B 529 6.53 7.51 3.94
CA TYR B 529 7.72 8.00 3.19
C TYR B 529 7.55 7.84 1.69
N ALA B 530 6.84 6.82 1.21
CA ALA B 530 6.93 6.47 -0.21
C ALA B 530 5.70 5.71 -0.68
N GLY B 531 5.66 5.50 -1.98
CA GLY B 531 4.67 4.65 -2.62
C GLY B 531 5.28 3.31 -3.03
N HIS B 532 4.51 2.51 -3.77
CA HIS B 532 4.91 1.13 -4.14
C HIS B 532 4.31 0.81 -5.50
N TRP B 533 4.98 -0.06 -6.25
CA TRP B 533 4.34 -0.71 -7.40
C TRP B 533 4.50 -2.22 -7.16
N THR B 534 3.59 -3.03 -7.70
CA THR B 534 3.47 -4.46 -7.33
C THR B 534 4.53 -5.32 -8.01
N GLY B 535 5.44 -4.76 -8.79
CA GLY B 535 6.63 -5.49 -9.29
C GLY B 535 6.39 -6.21 -10.61
N ASP B 536 7.02 -7.36 -10.81
CA ASP B 536 7.17 -7.97 -12.16
C ASP B 536 5.96 -8.81 -12.51
N VAL B 537 4.81 -8.18 -12.64
CA VAL B 537 3.56 -8.89 -13.00
C VAL B 537 3.61 -9.27 -14.48
N TRP B 538 3.13 -10.46 -14.81
CA TRP B 538 2.97 -10.86 -16.23
C TRP B 538 1.88 -10.04 -16.92
N SER B 539 2.04 -9.83 -18.23
CA SER B 539 0.93 -9.29 -19.07
C SER B 539 -0.10 -10.40 -19.32
N SER B 540 -0.94 -10.68 -18.33
CA SER B 540 -1.98 -11.72 -18.37
C SER B 540 -3.28 -11.21 -17.74
N TRP B 541 -4.40 -11.82 -18.13
CA TRP B 541 -5.74 -11.50 -17.56
C TRP B 541 -5.73 -11.85 -16.08
N GLU B 542 -5.06 -12.93 -15.70
CA GLU B 542 -5.00 -13.37 -14.28
C GLU B 542 -4.31 -12.26 -13.46
N GLN B 543 -3.21 -11.69 -13.97
CA GLN B 543 -2.48 -10.66 -13.17
C GLN B 543 -3.27 -9.34 -13.20
N LEU B 544 -3.95 -9.00 -14.30
CA LEU B 544 -4.85 -7.81 -14.29
C LEU B 544 -5.86 -8.00 -13.15
N ALA B 545 -6.50 -9.16 -13.04
CA ALA B 545 -7.53 -9.39 -12.02
C ALA B 545 -6.90 -9.33 -10.62
N SER B 546 -5.72 -9.92 -10.44
CA SER B 546 -5.00 -10.00 -9.14
C SER B 546 -4.56 -8.62 -8.67
N SER B 547 -4.40 -7.68 -9.59
CA SER B 547 -3.93 -6.31 -9.23
C SER B 547 -4.95 -5.62 -8.35
N VAL B 548 -6.26 -5.91 -8.48
CA VAL B 548 -7.29 -5.15 -7.70
C VAL B 548 -7.16 -5.47 -6.20
N PRO B 549 -7.20 -6.75 -5.79
CA PRO B 549 -7.01 -7.08 -4.38
C PRO B 549 -5.68 -6.54 -3.83
N GLU B 550 -4.62 -6.54 -4.64
CA GLU B 550 -3.29 -6.13 -4.14
C GLU B 550 -3.29 -4.61 -3.89
N ILE B 551 -3.83 -3.82 -4.81
CA ILE B 551 -3.95 -2.35 -4.64
C ILE B 551 -4.81 -2.05 -3.41
N LEU B 552 -5.93 -2.75 -3.24
CA LEU B 552 -6.79 -2.57 -2.04
C LEU B 552 -6.02 -2.93 -0.77
N GLN B 553 -5.26 -4.01 -0.81
CA GLN B 553 -4.52 -4.46 0.40
C GLN B 553 -3.52 -3.38 0.82
N PHE B 554 -2.76 -2.80 -0.11
CA PHE B 554 -1.75 -1.77 0.24
C PHE B 554 -2.44 -0.53 0.79
N ASN B 555 -3.65 -0.21 0.33
CA ASN B 555 -4.41 0.93 0.87
C ASN B 555 -4.78 0.68 2.34
N LEU B 556 -5.20 -0.55 2.68
CA LEU B 556 -5.45 -0.92 4.10
C LEU B 556 -4.18 -0.81 4.95
N LEU B 557 -2.98 -0.95 4.35
CA LEU B 557 -1.67 -1.00 5.05
C LEU B 557 -1.03 0.39 5.07
N GLY B 558 -1.77 1.41 4.60
CA GLY B 558 -1.30 2.81 4.70
C GLY B 558 -0.32 3.15 3.59
N VAL B 559 -0.36 2.42 2.48
CA VAL B 559 0.46 2.73 1.28
C VAL B 559 -0.51 3.02 0.14
N PRO B 560 -1.25 4.12 0.21
CA PRO B 560 -2.26 4.39 -0.82
C PRO B 560 -1.69 4.69 -2.20
N LEU B 561 -0.45 5.19 -2.27
CA LEU B 561 0.20 5.48 -3.57
C LEU B 561 0.76 4.16 -4.09
N VAL B 562 -0.12 3.37 -4.71
CA VAL B 562 0.23 2.01 -5.16
C VAL B 562 -0.44 1.77 -6.51
N GLY B 563 0.18 0.95 -7.34
CA GLY B 563 -0.38 0.51 -8.61
C GLY B 563 0.41 -0.67 -9.13
N ALA B 564 -0.06 -1.24 -10.22
CA ALA B 564 0.66 -2.29 -10.96
C ALA B 564 1.11 -1.67 -12.28
N ASP B 565 2.12 -2.26 -12.91
CA ASP B 565 2.55 -1.85 -14.27
C ASP B 565 1.36 -2.00 -15.22
N VAL B 566 0.85 -0.88 -15.71
CA VAL B 566 -0.34 -0.92 -16.61
C VAL B 566 0.05 -1.63 -17.92
N CYS B 567 -0.75 -2.63 -18.30
CA CYS B 567 -0.60 -3.58 -19.44
C CYS B 567 0.33 -4.74 -19.08
N GLY B 568 0.90 -4.71 -17.87
CA GLY B 568 1.80 -5.73 -17.32
C GLY B 568 3.24 -5.54 -17.74
N PHE B 569 4.15 -6.12 -16.96
CA PHE B 569 5.60 -5.93 -17.17
C PHE B 569 6.18 -7.05 -18.05
N LEU B 570 6.08 -8.28 -17.60
CA LEU B 570 6.72 -9.45 -18.27
C LEU B 570 5.86 -9.87 -19.47
N GLY B 571 6.50 -10.42 -20.48
CA GLY B 571 5.79 -10.99 -21.63
C GLY B 571 5.25 -9.91 -22.53
N ASN B 572 4.37 -10.30 -23.44
CA ASN B 572 3.79 -9.37 -24.44
C ASN B 572 2.32 -9.19 -24.12
N THR B 573 1.88 -7.95 -24.03
CA THR B 573 0.45 -7.65 -23.83
C THR B 573 -0.27 -7.84 -25.18
N SER B 574 -1.57 -8.06 -25.13
CA SER B 574 -2.47 -8.03 -26.30
C SER B 574 -3.13 -6.66 -26.30
N GLU B 575 -3.69 -6.24 -27.42
CA GLU B 575 -4.42 -4.97 -27.49
C GLU B 575 -5.63 -4.99 -26.56
N GLU B 576 -6.41 -6.08 -26.54
CA GLU B 576 -7.61 -6.14 -25.69
C GLU B 576 -7.17 -6.04 -24.21
N LEU B 577 -6.13 -6.78 -23.80
CA LEU B 577 -5.68 -6.75 -22.39
C LEU B 577 -5.25 -5.31 -22.05
N CYS B 578 -4.52 -4.66 -22.94
CA CYS B 578 -3.99 -3.29 -22.66
C CYS B 578 -5.13 -2.28 -22.57
N VAL B 579 -6.20 -2.42 -23.35
CA VAL B 579 -7.40 -1.54 -23.19
C VAL B 579 -8.02 -1.76 -21.80
N ARG B 580 -8.29 -3.00 -21.41
CA ARG B 580 -8.91 -3.31 -20.10
C ARG B 580 -7.97 -2.88 -18.97
N TRP B 581 -6.66 -3.07 -19.11
CA TRP B 581 -5.70 -2.75 -18.04
C TRP B 581 -5.58 -1.23 -17.91
N THR B 582 -5.65 -0.50 -19.02
CA THR B 582 -5.59 0.99 -18.98
C THR B 582 -6.86 1.52 -18.33
N GLN B 583 -8.00 0.92 -18.65
CA GLN B 583 -9.29 1.31 -18.02
C GLN B 583 -9.21 1.13 -16.51
N LEU B 584 -8.81 -0.05 -16.05
CA LEU B 584 -8.74 -0.34 -14.60
C LEU B 584 -7.60 0.50 -14.01
N GLY B 585 -6.46 0.52 -14.69
CA GLY B 585 -5.21 1.15 -14.22
C GLY B 585 -5.37 2.65 -14.02
N ALA B 586 -6.30 3.29 -14.75
CA ALA B 586 -6.68 4.71 -14.58
C ALA B 586 -7.30 4.95 -13.20
N PHE B 587 -7.73 3.89 -12.49
CA PHE B 587 -8.20 3.97 -11.09
C PHE B 587 -7.15 3.45 -10.08
N TYR B 588 -5.96 3.05 -10.52
CA TYR B 588 -4.85 2.84 -9.56
C TYR B 588 -4.46 4.22 -9.01
N PRO B 589 -4.26 4.38 -7.71
CA PRO B 589 -3.83 5.70 -7.22
C PRO B 589 -2.48 6.13 -7.78
N PHE B 590 -1.59 5.16 -8.05
CA PHE B 590 -0.33 5.37 -8.80
C PHE B 590 -0.46 4.71 -10.16
N MET B 591 -0.49 5.51 -11.23
CA MET B 591 -0.75 4.97 -12.59
C MET B 591 0.48 5.13 -13.49
N ARG B 592 1.15 4.00 -13.73
CA ARG B 592 2.36 3.93 -14.56
C ARG B 592 2.23 2.73 -15.49
N ASN B 593 2.44 2.97 -16.77
CA ASN B 593 2.66 1.91 -17.78
C ASN B 593 4.17 1.67 -17.86
N HIS B 594 4.61 0.44 -17.58
CA HIS B 594 6.03 0.08 -17.58
C HIS B 594 6.14 -1.29 -18.24
N ASN B 595 7.29 -1.61 -18.81
CA ASN B 595 7.41 -2.71 -19.80
C ASN B 595 8.83 -3.26 -19.75
N SER B 596 8.99 -4.57 -19.93
CA SER B 596 10.32 -5.20 -19.84
C SER B 596 11.08 -5.03 -21.17
N LEU B 597 12.37 -5.32 -21.10
CA LEU B 597 13.35 -5.10 -22.19
C LEU B 597 12.94 -5.89 -23.44
N LEU B 598 12.55 -7.15 -23.29
CA LEU B 598 12.32 -8.05 -24.47
C LEU B 598 10.87 -7.97 -24.95
N SER B 599 10.01 -7.20 -24.29
CA SER B 599 8.55 -7.15 -24.59
C SER B 599 8.30 -6.31 -25.86
N LEU B 600 7.19 -6.58 -26.53
CA LEU B 600 6.66 -5.71 -27.59
C LEU B 600 6.19 -4.40 -26.98
N PRO B 601 6.26 -3.30 -27.73
CA PRO B 601 5.85 -1.99 -27.20
C PRO B 601 4.41 -2.03 -26.71
N GLN B 602 4.08 -1.20 -25.71
CA GLN B 602 2.71 -1.12 -25.15
C GLN B 602 2.37 0.32 -24.75
N GLU B 603 3.05 1.31 -25.32
CA GLU B 603 2.62 2.72 -25.13
C GLU B 603 1.25 2.90 -25.78
N PRO B 604 0.36 3.75 -25.21
CA PRO B 604 -0.99 3.96 -25.75
C PRO B 604 -1.02 4.28 -27.25
N TYR B 605 -0.05 5.02 -27.74
CA TYR B 605 0.00 5.43 -29.17
C TYR B 605 0.42 4.27 -30.08
N SER B 606 0.82 3.12 -29.53
CA SER B 606 1.33 1.98 -30.35
C SER B 606 0.19 1.04 -30.79
N PHE B 607 -1.07 1.34 -30.47
CA PHE B 607 -2.22 0.42 -30.72
C PHE B 607 -3.11 0.95 -31.85
N SER B 608 -4.15 0.19 -32.20
CA SER B 608 -5.13 0.56 -33.26
C SER B 608 -5.90 1.79 -32.81
N GLU B 609 -6.54 2.47 -33.77
CA GLU B 609 -7.29 3.71 -33.51
C GLU B 609 -8.36 3.47 -32.46
N PRO B 610 -9.21 2.41 -32.56
CA PRO B 610 -10.26 2.19 -31.58
C PRO B 610 -9.69 1.94 -30.17
N ALA B 611 -8.56 1.22 -30.08
CA ALA B 611 -7.88 0.96 -28.78
C ALA B 611 -7.36 2.29 -28.23
N GLN B 612 -6.75 3.12 -29.09
CA GLN B 612 -6.24 4.45 -28.69
C GLN B 612 -7.39 5.30 -28.15
N GLN B 613 -8.55 5.31 -28.80
CA GLN B 613 -9.72 6.08 -28.34
C GLN B 613 -10.12 5.66 -26.92
N ALA B 614 -10.19 4.35 -26.64
CA ALA B 614 -10.59 3.83 -25.32
C ALA B 614 -9.56 4.24 -24.26
N MET B 615 -8.27 4.15 -24.59
CA MET B 615 -7.17 4.48 -23.65
C MET B 615 -7.18 5.99 -23.40
N ARG B 616 -7.46 6.79 -24.44
CA ARG B 616 -7.53 8.26 -24.31
C ARG B 616 -8.68 8.64 -23.38
N LYS B 617 -9.82 7.96 -23.53
CA LYS B 617 -11.01 8.22 -22.68
C LYS B 617 -10.67 7.92 -21.22
N ALA B 618 -9.98 6.82 -20.96
CA ALA B 618 -9.59 6.42 -19.59
C ALA B 618 -8.67 7.49 -18.98
N LEU B 619 -7.67 7.92 -19.73
CA LEU B 619 -6.72 8.95 -19.24
C LEU B 619 -7.44 10.28 -19.04
N THR B 620 -8.35 10.63 -19.95
CA THR B 620 -9.14 11.89 -19.88
C THR B 620 -9.95 11.92 -18.57
N LEU B 621 -10.61 10.83 -18.24
CA LEU B 621 -11.48 10.72 -17.05
C LEU B 621 -10.61 10.84 -15.79
N ARG B 622 -9.45 10.17 -15.78
CA ARG B 622 -8.55 10.25 -14.61
C ARG B 622 -8.14 11.70 -14.41
N TYR B 623 -7.74 12.36 -15.49
CA TYR B 623 -7.29 13.77 -15.37
C TYR B 623 -8.42 14.66 -14.87
N ALA B 624 -9.64 14.43 -15.35
CA ALA B 624 -10.84 15.20 -14.93
C ALA B 624 -11.05 15.01 -13.42
N LEU B 625 -10.77 13.80 -12.89
CA LEU B 625 -11.00 13.45 -11.46
C LEU B 625 -9.83 13.84 -10.57
N LEU B 626 -8.73 14.38 -11.11
CA LEU B 626 -7.51 14.61 -10.31
C LEU B 626 -7.77 15.49 -9.08
N PRO B 627 -8.58 16.56 -9.14
CA PRO B 627 -8.85 17.34 -7.92
C PRO B 627 -9.51 16.50 -6.81
N HIS B 628 -10.34 15.55 -7.20
CA HIS B 628 -11.00 14.59 -6.28
C HIS B 628 -9.95 13.62 -5.72
N LEU B 629 -9.15 13.01 -6.59
CA LEU B 629 -8.11 12.05 -6.16
C LEU B 629 -7.12 12.74 -5.21
N TYR B 630 -6.75 13.99 -5.51
CA TYR B 630 -5.84 14.77 -4.63
C TYR B 630 -6.48 14.99 -3.25
N THR B 631 -7.76 15.31 -3.23
CA THR B 631 -8.52 15.54 -1.97
C THR B 631 -8.54 14.21 -1.19
N LEU B 632 -8.71 13.08 -1.88
CA LEU B 632 -8.66 11.76 -1.19
C LEU B 632 -7.27 11.54 -0.57
N PHE B 633 -6.18 11.92 -1.26
CA PHE B 633 -4.80 11.79 -0.70
C PHE B 633 -4.65 12.71 0.50
N HIS B 634 -5.26 13.89 0.47
CA HIS B 634 -5.25 14.81 1.63
C HIS B 634 -5.89 14.13 2.84
N GLN B 635 -7.03 13.46 2.65
CA GLN B 635 -7.74 12.77 3.74
C GLN B 635 -6.86 11.61 4.26
N ALA B 636 -6.16 10.92 3.37
CA ALA B 636 -5.22 9.84 3.78
C ALA B 636 -4.13 10.44 4.67
N HIS B 637 -3.57 11.56 4.24
CA HIS B 637 -2.42 12.22 4.89
C HIS B 637 -2.84 12.80 6.24
N VAL B 638 -4.03 13.39 6.36
CA VAL B 638 -4.42 14.08 7.63
C VAL B 638 -5.23 13.19 8.56
N ALA B 639 -5.90 12.13 8.09
CA ALA B 639 -6.86 11.38 8.93
C ALA B 639 -6.66 9.88 8.81
N GLY B 640 -5.64 9.41 8.10
CA GLY B 640 -5.37 7.96 7.98
C GLY B 640 -6.45 7.23 7.19
N GLU B 641 -7.10 7.90 6.25
CA GLU B 641 -8.12 7.30 5.37
C GLU B 641 -7.44 6.50 4.25
N THR B 642 -8.18 5.60 3.62
CA THR B 642 -7.73 4.87 2.41
C THR B 642 -8.12 5.73 1.21
N VAL B 643 -7.43 5.56 0.08
CA VAL B 643 -7.76 6.25 -1.19
C VAL B 643 -8.58 5.27 -2.02
N ALA B 644 -7.98 4.15 -2.43
CA ALA B 644 -8.74 3.05 -3.06
C ALA B 644 -9.17 2.10 -1.94
N ARG B 645 -10.46 1.77 -1.84
CA ARG B 645 -10.92 0.97 -0.68
C ARG B 645 -11.90 -0.10 -1.13
N PRO B 646 -11.86 -1.25 -0.44
CA PRO B 646 -12.78 -2.33 -0.76
C PRO B 646 -14.19 -1.91 -0.34
N LEU B 647 -15.19 -2.54 -0.93
CA LEU B 647 -16.60 -2.25 -0.56
C LEU B 647 -16.80 -2.49 0.93
N PHE B 648 -16.17 -3.53 1.52
CA PHE B 648 -16.44 -3.88 2.94
C PHE B 648 -15.95 -2.77 3.88
N LEU B 649 -15.02 -1.92 3.45
CA LEU B 649 -14.58 -0.81 4.34
C LEU B 649 -15.68 0.25 4.39
N GLU B 650 -16.42 0.39 3.31
CA GLU B 650 -17.44 1.45 3.21
C GLU B 650 -18.79 0.91 3.66
N PHE B 651 -19.06 -0.39 3.49
CA PHE B 651 -20.37 -1.01 3.82
C PHE B 651 -20.14 -2.30 4.61
N PRO B 652 -19.49 -2.22 5.80
CA PRO B 652 -19.15 -3.41 6.57
C PRO B 652 -20.38 -4.17 7.10
N LYS B 653 -21.50 -3.49 7.34
CA LYS B 653 -22.74 -4.09 7.89
C LYS B 653 -23.46 -4.90 6.82
N ASP B 654 -23.08 -4.77 5.56
CA ASP B 654 -23.58 -5.63 4.45
C ASP B 654 -22.56 -6.75 4.21
N SER B 655 -22.84 -7.95 4.72
CA SER B 655 -21.92 -9.11 4.71
C SER B 655 -21.66 -9.56 3.27
N SER B 656 -22.53 -9.27 2.31
CA SER B 656 -22.27 -9.60 0.88
C SER B 656 -21.01 -8.89 0.35
N THR B 657 -20.61 -7.78 0.94
CA THR B 657 -19.42 -7.03 0.46
C THR B 657 -18.11 -7.72 0.91
N TRP B 658 -18.15 -8.59 1.92
CA TRP B 658 -16.92 -9.04 2.61
C TRP B 658 -15.96 -9.74 1.64
N THR B 659 -16.46 -10.48 0.65
CA THR B 659 -15.60 -11.23 -0.30
C THR B 659 -15.43 -10.49 -1.64
N VAL B 660 -15.90 -9.25 -1.76
CA VAL B 660 -15.79 -8.51 -3.04
C VAL B 660 -14.38 -7.89 -3.10
N ASP B 661 -13.59 -8.30 -4.09
CA ASP B 661 -12.23 -7.73 -4.28
C ASP B 661 -11.93 -7.51 -5.77
N HIS B 662 -12.92 -7.59 -6.67
CA HIS B 662 -12.74 -7.29 -8.11
C HIS B 662 -13.48 -6.00 -8.48
N GLN B 663 -14.01 -5.31 -7.49
CA GLN B 663 -14.49 -3.92 -7.57
C GLN B 663 -13.71 -3.10 -6.55
N LEU B 664 -13.64 -1.79 -6.76
CA LEU B 664 -13.00 -0.90 -5.79
C LEU B 664 -13.82 0.38 -5.73
N LEU B 665 -13.72 1.03 -4.59
CA LEU B 665 -14.16 2.44 -4.45
C LEU B 665 -12.94 3.36 -4.49
N TRP B 666 -13.15 4.57 -5.02
CA TRP B 666 -12.31 5.72 -4.66
C TRP B 666 -13.07 6.45 -3.58
N GLY B 667 -12.52 6.50 -2.37
CA GLY B 667 -13.16 7.14 -1.22
C GLY B 667 -14.51 6.54 -0.93
N GLU B 668 -15.48 7.36 -0.56
CA GLU B 668 -16.83 6.87 -0.17
C GLU B 668 -17.72 6.68 -1.41
N ALA B 669 -17.46 7.34 -2.54
CA ALA B 669 -18.54 7.71 -3.51
C ALA B 669 -18.36 7.10 -4.90
N LEU B 670 -17.17 6.68 -5.32
CA LEU B 670 -16.98 6.28 -6.73
C LEU B 670 -16.73 4.78 -6.79
N LEU B 671 -17.66 4.04 -7.37
CA LEU B 671 -17.59 2.57 -7.48
C LEU B 671 -17.12 2.21 -8.88
N ILE B 672 -16.01 1.48 -8.99
CA ILE B 672 -15.41 1.06 -10.29
C ILE B 672 -15.57 -0.45 -10.42
N THR B 673 -16.20 -0.88 -11.51
CA THR B 673 -16.52 -2.30 -11.78
C THR B 673 -15.89 -2.67 -13.11
N PRO B 674 -14.59 -3.07 -13.12
CA PRO B 674 -13.88 -3.31 -14.36
C PRO B 674 -14.21 -4.68 -14.95
N VAL B 675 -14.10 -4.77 -16.28
CA VAL B 675 -13.95 -6.09 -16.98
C VAL B 675 -12.50 -6.56 -16.77
N LEU B 676 -12.35 -7.80 -16.32
CA LEU B 676 -11.04 -8.40 -15.95
C LEU B 676 -10.82 -9.71 -16.71
N GLN B 677 -11.61 -9.95 -17.76
CA GLN B 677 -11.54 -11.18 -18.58
C GLN B 677 -11.62 -10.82 -20.08
N ALA B 678 -10.95 -11.61 -20.91
CA ALA B 678 -10.97 -11.44 -22.37
C ALA B 678 -12.38 -11.80 -22.90
N GLY B 679 -12.83 -11.13 -23.96
CA GLY B 679 -14.03 -11.52 -24.73
C GLY B 679 -15.32 -11.12 -24.05
N LYS B 680 -15.27 -10.31 -23.00
CA LYS B 680 -16.47 -9.93 -22.21
C LYS B 680 -17.01 -8.58 -22.69
N ALA B 681 -18.33 -8.46 -22.85
CA ALA B 681 -19.01 -7.22 -23.26
C ALA B 681 -19.97 -6.82 -22.14
N GLU B 682 -19.85 -7.48 -20.99
CA GLU B 682 -20.66 -7.16 -19.80
C GLU B 682 -19.87 -7.59 -18.56
N VAL B 683 -20.28 -7.06 -17.41
CA VAL B 683 -19.63 -7.38 -16.12
C VAL B 683 -20.73 -7.41 -15.07
N THR B 684 -20.61 -8.31 -14.11
CA THR B 684 -21.54 -8.38 -12.95
C THR B 684 -20.80 -7.90 -11.70
N GLY B 685 -21.36 -6.89 -11.05
CA GLY B 685 -20.74 -6.27 -9.86
C GLY B 685 -21.76 -6.13 -8.76
N TYR B 686 -21.27 -6.03 -7.53
CA TYR B 686 -22.15 -5.87 -6.35
C TYR B 686 -22.41 -4.39 -6.14
N PHE B 687 -23.69 -4.03 -5.96
CA PHE B 687 -24.14 -2.66 -5.65
C PHE B 687 -24.77 -2.65 -4.27
N PRO B 688 -24.10 -2.02 -3.29
CA PRO B 688 -24.69 -1.86 -1.96
C PRO B 688 -25.99 -1.06 -2.05
N LEU B 689 -26.81 -1.14 -1.00
CA LEU B 689 -28.13 -0.49 -0.90
C LEU B 689 -27.92 1.01 -1.16
N GLY B 690 -28.68 1.56 -2.11
CA GLY B 690 -28.63 2.98 -2.47
C GLY B 690 -28.79 3.19 -3.96
N THR B 691 -28.75 4.45 -4.38
CA THR B 691 -28.81 4.83 -5.79
C THR B 691 -27.39 5.09 -6.27
N TRP B 692 -27.02 4.51 -7.39
CA TRP B 692 -25.68 4.67 -8.02
C TRP B 692 -25.86 5.23 -9.41
N TYR B 693 -25.42 6.47 -9.63
CA TYR B 693 -25.55 7.15 -10.92
C TYR B 693 -24.41 6.76 -11.86
N ASP B 694 -24.74 6.46 -13.11
CA ASP B 694 -23.74 6.16 -14.16
C ASP B 694 -22.93 7.43 -14.43
N LEU B 695 -21.60 7.37 -14.29
CA LEU B 695 -20.74 8.56 -14.47
C LEU B 695 -20.76 9.00 -15.94
N GLN B 696 -21.15 8.14 -16.89
CA GLN B 696 -21.28 8.51 -18.34
C GLN B 696 -22.33 9.63 -18.53
N THR B 697 -23.24 9.84 -17.58
CA THR B 697 -24.26 10.92 -17.62
C THR B 697 -23.65 12.27 -17.25
N VAL B 698 -22.39 12.30 -16.77
CA VAL B 698 -21.70 13.57 -16.45
C VAL B 698 -20.84 13.98 -17.66
N PRO B 699 -21.08 15.17 -18.25
CA PRO B 699 -20.28 15.63 -19.39
C PRO B 699 -18.82 15.90 -18.99
N ILE B 700 -17.87 15.30 -19.73
CA ILE B 700 -16.41 15.52 -19.58
C ILE B 700 -15.80 15.87 -20.95
N GLU B 701 -14.98 16.92 -21.01
CA GLU B 701 -14.29 17.41 -22.24
C GLU B 701 -12.97 16.66 -22.42
N ALA B 702 -12.71 16.18 -23.63
CA ALA B 702 -11.49 15.45 -24.05
C ALA B 702 -10.77 16.27 -25.14
N LEU B 703 -9.44 16.40 -25.06
CA LEU B 703 -8.60 17.10 -26.12
C LEU B 703 -8.64 16.34 -27.47
N GLY B 704 -8.64 14.99 -27.47
CA GLY B 704 -8.73 14.15 -28.69
C GLY B 704 -9.96 13.25 -28.71
N SER B 705 -10.21 12.50 -29.79
CA SER B 705 -11.44 11.68 -29.95
C SER B 705 -11.52 10.58 -28.88
N ARG B 714 -28.21 1.49 -21.50
CA ARG B 714 -27.45 1.86 -20.27
C ARG B 714 -28.33 2.70 -19.34
N GLU B 715 -28.60 2.16 -18.15
CA GLU B 715 -29.43 2.78 -17.09
C GLU B 715 -28.70 4.01 -16.54
N PRO B 716 -29.32 5.21 -16.52
CA PRO B 716 -28.69 6.39 -15.92
C PRO B 716 -28.44 6.27 -14.41
N ALA B 717 -29.26 5.50 -13.70
CA ALA B 717 -29.16 5.29 -12.24
C ALA B 717 -29.48 3.84 -11.90
N ILE B 718 -28.63 3.21 -11.10
CA ILE B 718 -28.93 1.85 -10.56
C ILE B 718 -29.59 2.04 -9.19
N HIS B 719 -30.82 1.56 -9.00
CA HIS B 719 -31.54 1.61 -7.70
C HIS B 719 -31.38 0.25 -7.04
N SER B 720 -30.48 0.14 -6.07
CA SER B 720 -30.07 -1.18 -5.53
C SER B 720 -30.63 -1.34 -4.13
N GLU B 721 -31.08 -2.56 -3.80
CA GLU B 721 -31.46 -2.97 -2.42
C GLU B 721 -30.29 -3.74 -1.78
N GLY B 722 -29.11 -3.70 -2.42
CA GLY B 722 -27.93 -4.50 -2.05
C GLY B 722 -27.95 -5.80 -2.81
N GLN B 723 -27.40 -5.80 -4.02
CA GLN B 723 -27.59 -6.92 -4.97
C GLN B 723 -26.53 -6.86 -6.05
N TRP B 724 -26.33 -8.00 -6.70
CA TRP B 724 -25.52 -8.16 -7.92
C TRP B 724 -26.31 -7.62 -9.12
N VAL B 725 -25.64 -6.85 -9.97
CA VAL B 725 -26.23 -6.21 -11.17
C VAL B 725 -25.30 -6.48 -12.35
N THR B 726 -25.85 -6.97 -13.46
CA THR B 726 -25.10 -7.15 -14.73
C THR B 726 -25.15 -5.85 -15.51
N LEU B 727 -23.99 -5.34 -15.91
CA LEU B 727 -23.83 -4.02 -16.58
C LEU B 727 -23.29 -4.25 -17.98
N PRO B 728 -23.75 -3.49 -18.99
CA PRO B 728 -23.11 -3.53 -20.31
C PRO B 728 -21.68 -3.01 -20.14
N ALA B 729 -20.71 -3.65 -20.78
CA ALA B 729 -19.28 -3.30 -20.64
C ALA B 729 -18.56 -3.65 -21.93
N PRO B 730 -18.91 -2.97 -23.04
CA PRO B 730 -18.19 -3.14 -24.29
C PRO B 730 -16.73 -2.69 -24.12
N LEU B 731 -15.89 -3.04 -25.09
CA LEU B 731 -14.41 -2.83 -25.03
C LEU B 731 -14.10 -1.36 -24.72
N ASP B 732 -14.91 -0.41 -25.21
CA ASP B 732 -14.62 1.04 -25.06
C ASP B 732 -15.08 1.58 -23.71
N THR B 733 -15.62 0.72 -22.83
CA THR B 733 -16.30 1.14 -21.58
C THR B 733 -15.67 0.53 -20.34
N ILE B 734 -15.49 1.32 -19.28
CA ILE B 734 -15.36 0.81 -17.89
C ILE B 734 -16.51 1.40 -17.08
N ASN B 735 -17.21 0.56 -16.34
CA ASN B 735 -18.32 0.98 -15.46
C ASN B 735 -17.81 1.75 -14.24
N VAL B 736 -18.27 2.99 -14.11
CA VAL B 736 -17.99 3.85 -12.93
C VAL B 736 -19.32 4.45 -12.51
N HIS B 737 -19.68 4.33 -11.23
CA HIS B 737 -20.95 4.85 -10.69
C HIS B 737 -20.65 5.77 -9.52
N LEU B 738 -21.43 6.85 -9.40
CA LEU B 738 -21.32 7.82 -8.31
C LEU B 738 -22.45 7.58 -7.34
N ARG B 739 -22.09 7.40 -6.08
CA ARG B 739 -23.02 7.17 -4.95
C ARG B 739 -23.89 8.41 -4.72
N ALA B 740 -25.21 8.23 -4.65
CA ALA B 740 -26.15 9.30 -4.26
C ALA B 740 -25.77 9.86 -2.89
N GLY B 741 -25.78 11.19 -2.75
CA GLY B 741 -25.45 11.89 -1.52
C GLY B 741 -24.06 12.52 -1.57
N TYR B 742 -23.38 12.44 -2.72
CA TYR B 742 -21.96 12.87 -2.87
C TYR B 742 -21.81 13.87 -4.03
N ILE B 743 -20.88 14.79 -3.81
CA ILE B 743 -20.46 15.83 -4.79
C ILE B 743 -18.95 15.65 -5.02
N ILE B 744 -18.54 15.51 -6.27
N ILE B 744 -18.57 15.60 -6.30
CA ILE B 744 -17.10 15.40 -6.62
CA ILE B 744 -17.20 15.37 -6.80
C ILE B 744 -16.69 16.58 -7.49
C ILE B 744 -16.74 16.65 -7.49
N PRO B 745 -15.56 17.21 -7.14
CA PRO B 745 -14.96 18.27 -7.95
C PRO B 745 -14.21 17.65 -9.13
N LEU B 746 -14.33 18.30 -10.28
CA LEU B 746 -13.67 17.93 -11.55
C LEU B 746 -12.92 19.15 -12.09
N GLN B 747 -11.93 18.91 -12.94
CA GLN B 747 -11.20 20.01 -13.61
C GLN B 747 -11.05 19.71 -15.09
N GLY B 748 -10.94 20.77 -15.90
CA GLY B 748 -10.84 20.68 -17.36
C GLY B 748 -9.57 19.96 -17.79
N PRO B 749 -9.48 19.66 -19.10
CA PRO B 749 -8.46 18.75 -19.62
C PRO B 749 -7.09 19.40 -19.79
N GLY B 750 -6.08 18.56 -19.97
CA GLY B 750 -4.69 18.96 -20.24
C GLY B 750 -3.90 17.74 -20.61
N LEU B 751 -2.77 17.90 -21.29
CA LEU B 751 -1.86 16.77 -21.49
C LEU B 751 -0.91 16.64 -20.30
N THR B 752 -0.88 17.63 -19.40
CA THR B 752 -0.13 17.60 -18.12
C THR B 752 -0.98 18.19 -17.00
N THR B 753 -0.61 17.93 -15.75
CA THR B 753 -1.22 18.64 -14.60
C THR B 753 -0.81 20.11 -14.62
N THR B 754 0.31 20.45 -15.24
CA THR B 754 0.70 21.89 -15.35
C THR B 754 -0.41 22.63 -16.11
N GLU B 755 -0.89 22.03 -17.19
CA GLU B 755 -1.98 22.58 -18.03
C GLU B 755 -3.35 22.40 -17.31
N SER B 756 -3.68 21.21 -16.80
CA SER B 756 -5.02 20.92 -16.25
C SER B 756 -5.32 21.81 -15.02
N ARG B 757 -4.32 22.09 -14.17
CA ARG B 757 -4.51 22.87 -12.92
C ARG B 757 -4.91 24.32 -13.25
N GLN B 758 -4.71 24.78 -14.48
CA GLN B 758 -5.08 26.16 -14.89
C GLN B 758 -6.52 26.20 -15.45
N GLN B 759 -7.17 25.06 -15.61
CA GLN B 759 -8.50 24.97 -16.27
C GLN B 759 -9.60 25.27 -15.28
N PRO B 760 -10.78 25.69 -15.78
CA PRO B 760 -11.95 25.86 -14.92
C PRO B 760 -12.38 24.50 -14.35
N MET B 761 -13.01 24.55 -13.20
CA MET B 761 -13.56 23.37 -12.50
C MET B 761 -15.06 23.20 -12.75
N ALA B 762 -15.55 22.04 -12.34
CA ALA B 762 -16.96 21.61 -12.43
C ALA B 762 -17.29 20.83 -11.16
N LEU B 763 -18.58 20.76 -10.83
CA LEU B 763 -19.09 19.85 -9.77
C LEU B 763 -19.99 18.81 -10.43
N ALA B 764 -19.86 17.55 -10.01
CA ALA B 764 -20.88 16.51 -10.24
C ALA B 764 -21.63 16.29 -8.93
N VAL B 765 -22.93 16.59 -8.91
CA VAL B 765 -23.76 16.57 -7.67
C VAL B 765 -24.75 15.40 -7.77
N ALA B 766 -24.52 14.34 -7.01
CA ALA B 766 -25.37 13.12 -7.02
C ALA B 766 -26.40 13.25 -5.90
N LEU B 767 -27.62 13.61 -6.25
CA LEU B 767 -28.66 13.86 -5.21
C LEU B 767 -29.20 12.53 -4.66
N THR B 768 -29.44 12.50 -3.37
CA THR B 768 -30.30 11.44 -2.76
C THR B 768 -31.74 11.66 -3.22
N LYS B 769 -32.61 10.68 -2.96
CA LYS B 769 -34.09 10.82 -3.14
C LYS B 769 -34.57 12.10 -2.45
N GLY B 770 -34.14 12.38 -1.21
CA GLY B 770 -34.48 13.60 -0.44
C GLY B 770 -33.77 14.87 -0.92
N GLY B 771 -32.96 14.82 -1.99
CA GLY B 771 -32.35 16.03 -2.59
C GLY B 771 -31.09 16.52 -1.88
N GLU B 772 -30.37 15.63 -1.19
CA GLU B 772 -29.21 16.04 -0.39
C GLU B 772 -27.94 15.50 -1.04
N ALA B 773 -26.84 16.22 -0.87
CA ALA B 773 -25.51 15.74 -1.26
C ALA B 773 -24.45 16.59 -0.56
N ARG B 774 -23.28 16.01 -0.36
CA ARG B 774 -22.13 16.68 0.31
C ARG B 774 -20.83 16.26 -0.38
N GLY B 775 -19.90 17.19 -0.50
CA GLY B 775 -18.56 16.88 -0.99
C GLY B 775 -17.56 17.92 -0.55
N GLU B 776 -16.31 17.74 -0.97
CA GLU B 776 -15.26 18.69 -0.56
C GLU B 776 -14.17 18.78 -1.62
N LEU B 777 -13.39 19.85 -1.51
CA LEU B 777 -12.20 20.09 -2.33
C LEU B 777 -11.08 20.59 -1.41
N PHE B 778 -9.92 19.98 -1.52
CA PHE B 778 -8.67 20.46 -0.92
C PHE B 778 -7.79 20.98 -2.05
N TRP B 779 -7.22 22.17 -1.90
CA TRP B 779 -6.35 22.73 -2.95
C TRP B 779 -5.15 23.41 -2.30
N ASP B 780 -3.95 23.10 -2.80
CA ASP B 780 -2.70 23.83 -2.46
C ASP B 780 -1.87 24.02 -3.73
N ASP B 781 -0.59 24.36 -3.61
CA ASP B 781 0.25 24.70 -4.78
C ASP B 781 0.73 23.40 -5.45
N GLY B 782 0.42 22.25 -4.86
CA GLY B 782 0.68 20.95 -5.52
C GLY B 782 2.05 20.37 -5.23
N GLU B 783 2.98 21.08 -4.55
CA GLU B 783 4.33 20.48 -4.34
C GLU B 783 5.09 21.00 -3.12
N SER B 784 4.67 22.09 -2.47
CA SER B 784 5.41 22.63 -1.30
C SER B 784 5.37 21.70 -0.11
N LEU B 785 6.39 21.82 0.71
CA LEU B 785 6.49 21.18 2.05
C LEU B 785 5.72 22.01 3.07
N GLU B 786 5.25 21.33 4.11
CA GLU B 786 4.66 21.90 5.37
C GLU B 786 3.44 22.75 5.04
N VAL B 787 2.66 22.39 4.03
CA VAL B 787 1.46 23.16 3.60
C VAL B 787 0.44 23.23 4.74
N LEU B 788 0.13 22.12 5.39
CA LEU B 788 -0.91 22.08 6.44
C LEU B 788 -0.43 22.87 7.66
N GLU B 789 0.83 22.71 8.05
CA GLU B 789 1.44 23.43 9.20
C GLU B 789 1.40 24.94 8.92
N ARG B 790 1.70 25.37 7.70
CA ARG B 790 1.76 26.82 7.35
C ARG B 790 0.36 27.35 7.00
N GLY B 791 -0.63 26.49 6.83
CA GLY B 791 -1.99 26.88 6.41
C GLY B 791 -2.05 27.35 4.95
N ALA B 792 -1.16 26.89 4.06
CA ALA B 792 -1.04 27.37 2.66
C ALA B 792 -1.93 26.56 1.72
N TYR B 793 -3.22 26.51 2.01
CA TYR B 793 -4.20 25.68 1.27
C TYR B 793 -5.59 26.31 1.38
N THR B 794 -6.46 25.88 0.50
CA THR B 794 -7.89 26.22 0.46
C THR B 794 -8.64 24.91 0.68
N GLN B 795 -9.68 24.95 1.51
CA GLN B 795 -10.55 23.79 1.77
C GLN B 795 -12.00 24.28 1.71
N VAL B 796 -12.80 23.65 0.87
CA VAL B 796 -14.19 24.06 0.59
C VAL B 796 -15.08 22.82 0.71
N ILE B 797 -16.22 22.99 1.35
CA ILE B 797 -17.30 21.96 1.39
C ILE B 797 -18.42 22.41 0.46
N PHE B 798 -19.01 21.48 -0.27
CA PHE B 798 -20.18 21.68 -1.15
C PHE B 798 -21.36 20.95 -0.52
N LEU B 799 -22.51 21.60 -0.45
CA LEU B 799 -23.76 21.04 0.14
C LEU B 799 -24.92 21.27 -0.84
N ALA B 800 -25.62 20.19 -1.19
CA ALA B 800 -26.91 20.24 -1.93
C ALA B 800 -28.04 19.96 -0.95
N ARG B 801 -29.08 20.79 -0.97
CA ARG B 801 -30.27 20.69 -0.06
C ARG B 801 -31.40 21.51 -0.68
N ASN B 802 -32.62 20.96 -0.71
CA ASN B 802 -33.85 21.73 -1.04
C ASN B 802 -33.63 22.52 -2.35
N ASN B 803 -33.14 21.88 -3.41
CA ASN B 803 -33.02 22.47 -4.77
C ASN B 803 -32.00 23.63 -4.73
N THR B 804 -31.01 23.55 -3.85
CA THR B 804 -29.89 24.54 -3.81
C THR B 804 -28.55 23.81 -3.69
N ILE B 805 -27.50 24.44 -4.20
CA ILE B 805 -26.08 24.03 -4.01
C ILE B 805 -25.32 25.24 -3.51
N VAL B 806 -24.62 25.09 -2.40
CA VAL B 806 -23.79 26.14 -1.76
C VAL B 806 -22.40 25.56 -1.51
N ASN B 807 -21.43 26.46 -1.35
CA ASN B 807 -20.11 26.13 -0.79
C ASN B 807 -20.04 26.70 0.63
N GLU B 808 -19.28 26.03 1.48
CA GLU B 808 -18.95 26.45 2.86
C GLU B 808 -17.43 26.57 2.89
N LEU B 809 -16.93 27.74 3.24
CA LEU B 809 -15.49 28.05 3.10
C LEU B 809 -14.82 27.67 4.42
N VAL B 810 -14.15 26.52 4.47
CA VAL B 810 -13.41 26.09 5.69
C VAL B 810 -12.13 26.92 5.80
N ARG B 811 -11.36 26.99 4.72
CA ARG B 811 -10.14 27.84 4.68
C ARG B 811 -9.99 28.35 3.26
N VAL B 812 -9.70 29.63 3.13
CA VAL B 812 -9.40 30.22 1.80
C VAL B 812 -8.09 31.00 1.93
N THR B 813 -7.12 30.68 1.07
CA THR B 813 -5.84 31.43 0.98
C THR B 813 -5.57 31.70 -0.50
N SER B 814 -4.45 32.35 -0.81
CA SER B 814 -4.05 32.73 -2.18
C SER B 814 -4.03 31.48 -3.06
N GLU B 815 -3.57 30.34 -2.52
CA GLU B 815 -3.57 29.05 -3.25
C GLU B 815 -5.00 28.53 -3.24
N GLY B 816 -5.76 28.78 -4.31
CA GLY B 816 -7.16 28.31 -4.42
C GLY B 816 -8.18 29.42 -4.59
N ALA B 817 -7.88 30.66 -4.19
CA ALA B 817 -8.89 31.75 -4.16
C ALA B 817 -9.52 31.90 -5.55
N GLY B 818 -8.68 31.98 -6.59
CA GLY B 818 -9.08 32.24 -7.99
C GLY B 818 -9.44 30.99 -8.79
N LEU B 819 -9.74 29.87 -8.13
CA LEU B 819 -10.26 28.67 -8.84
C LEU B 819 -11.64 29.01 -9.42
N GLN B 820 -11.80 28.81 -10.74
CA GLN B 820 -13.05 29.13 -11.48
C GLN B 820 -13.96 27.92 -11.50
N LEU B 821 -15.21 28.09 -11.10
CA LEU B 821 -16.26 27.04 -11.22
C LEU B 821 -17.13 27.43 -12.43
N GLN B 822 -17.18 26.62 -13.47
CA GLN B 822 -17.89 27.03 -14.72
CA GLN B 822 -17.88 27.02 -14.72
C GLN B 822 -19.05 26.09 -15.04
N LYS B 823 -19.14 24.94 -14.39
CA LYS B 823 -20.21 23.96 -14.74
C LYS B 823 -20.65 23.20 -13.48
N VAL B 824 -21.95 23.03 -13.32
CA VAL B 824 -22.55 22.22 -12.22
C VAL B 824 -23.51 21.25 -12.88
N THR B 825 -23.22 19.97 -12.73
CA THR B 825 -24.08 18.88 -13.24
C THR B 825 -24.76 18.22 -12.05
N VAL B 826 -26.10 18.17 -12.06
CA VAL B 826 -26.91 17.63 -10.95
C VAL B 826 -27.58 16.36 -11.47
N LEU B 827 -27.32 15.24 -10.80
CA LEU B 827 -27.92 13.92 -11.10
C LEU B 827 -29.10 13.65 -10.16
N GLY B 828 -30.19 13.05 -10.69
CA GLY B 828 -31.39 12.69 -9.91
C GLY B 828 -32.36 13.84 -9.77
N VAL B 829 -32.43 14.74 -10.76
CA VAL B 829 -33.43 15.85 -10.80
C VAL B 829 -34.67 15.30 -11.53
N ALA B 830 -35.74 15.05 -10.78
CA ALA B 830 -36.92 14.26 -11.22
C ALA B 830 -37.73 15.03 -12.28
N THR B 831 -37.87 16.34 -12.13
CA THR B 831 -38.68 17.19 -13.06
C THR B 831 -37.83 18.37 -13.60
N ALA B 832 -38.03 18.69 -14.88
CA ALA B 832 -37.39 19.82 -15.59
C ALA B 832 -37.65 21.09 -14.77
N PRO B 833 -36.62 21.88 -14.40
CA PRO B 833 -36.84 23.15 -13.73
C PRO B 833 -37.39 24.19 -14.71
N GLN B 834 -38.25 25.08 -14.21
CA GLN B 834 -38.73 26.27 -14.96
C GLN B 834 -37.62 27.32 -14.97
N GLN B 835 -36.87 27.47 -13.88
CA GLN B 835 -35.75 28.46 -13.81
C GLN B 835 -34.57 27.89 -13.00
N VAL B 836 -33.37 28.31 -13.37
CA VAL B 836 -32.09 28.01 -12.68
C VAL B 836 -31.40 29.35 -12.41
N LEU B 837 -31.12 29.63 -11.14
CA LEU B 837 -30.49 30.87 -10.66
C LEU B 837 -29.08 30.58 -10.17
N SER B 838 -28.16 31.50 -10.44
CA SER B 838 -26.82 31.56 -9.82
C SER B 838 -26.70 32.90 -9.10
N ASN B 839 -26.54 32.87 -7.78
CA ASN B 839 -26.54 34.07 -6.90
C ASN B 839 -27.76 34.95 -7.23
N GLY B 840 -28.93 34.36 -7.46
CA GLY B 840 -30.20 35.09 -7.56
C GLY B 840 -30.52 35.55 -8.97
N VAL B 841 -29.66 35.27 -9.94
CA VAL B 841 -29.83 35.72 -11.35
C VAL B 841 -29.94 34.51 -12.26
N PRO B 842 -30.89 34.52 -13.23
CA PRO B 842 -31.03 33.39 -14.16
C PRO B 842 -29.70 33.10 -14.86
N VAL B 843 -29.30 31.84 -14.91
CA VAL B 843 -27.98 31.47 -15.51
C VAL B 843 -28.01 31.75 -17.02
N SER B 844 -26.84 31.93 -17.63
CA SER B 844 -26.71 32.17 -19.10
C SER B 844 -27.31 30.98 -19.86
N ASN B 845 -27.13 29.74 -19.38
CA ASN B 845 -27.51 28.52 -20.13
C ASN B 845 -27.59 27.32 -19.18
N PHE B 846 -28.61 26.48 -19.35
CA PHE B 846 -28.71 25.16 -18.69
C PHE B 846 -29.41 24.19 -19.64
N THR B 847 -29.17 22.90 -19.47
CA THR B 847 -29.91 21.84 -20.19
C THR B 847 -30.44 20.84 -19.17
N TYR B 848 -31.63 20.34 -19.41
CA TYR B 848 -32.23 19.24 -18.63
C TYR B 848 -32.57 18.09 -19.58
N SER B 849 -32.19 16.87 -19.22
CA SER B 849 -32.51 15.64 -19.97
C SER B 849 -33.55 14.83 -19.19
N PRO B 850 -34.80 14.74 -19.69
CA PRO B 850 -35.87 13.99 -19.01
C PRO B 850 -35.59 12.48 -18.89
N ASP B 851 -34.89 11.94 -19.88
CA ASP B 851 -34.50 10.52 -19.97
C ASP B 851 -33.47 10.17 -18.89
N THR B 852 -32.45 10.99 -18.65
CA THR B 852 -31.32 10.67 -17.72
C THR B 852 -31.52 11.37 -16.37
N LYS B 853 -32.45 12.33 -16.28
CA LYS B 853 -32.74 13.14 -15.08
C LYS B 853 -31.49 13.94 -14.68
N VAL B 854 -30.76 14.45 -15.65
CA VAL B 854 -29.53 15.23 -15.42
C VAL B 854 -29.82 16.69 -15.75
N LEU B 855 -29.49 17.58 -14.83
CA LEU B 855 -29.54 19.05 -15.02
C LEU B 855 -28.11 19.57 -15.14
N ASP B 856 -27.76 20.13 -16.30
CA ASP B 856 -26.40 20.63 -16.61
C ASP B 856 -26.45 22.16 -16.63
N ILE B 857 -25.67 22.82 -15.78
CA ILE B 857 -25.80 24.29 -15.51
C ILE B 857 -24.46 24.97 -15.82
N CSO B 858 -24.48 26.00 -16.67
CA CSO B 858 -23.33 26.87 -16.88
CB CSO B 858 -23.32 27.46 -18.29
SG CSO B 858 -23.19 26.23 -19.61
C CSO B 858 -23.34 28.01 -15.88
O CSO B 858 -24.36 28.69 -15.72
OD CSO B 858 -21.86 25.27 -19.30
N VAL B 859 -22.20 28.23 -15.21
CA VAL B 859 -22.04 29.25 -14.19
C VAL B 859 -20.68 29.97 -14.37
N SER B 860 -20.53 31.09 -13.67
CA SER B 860 -19.29 31.90 -13.60
C SER B 860 -18.99 32.19 -12.14
N LEU B 861 -18.49 31.20 -11.41
CA LEU B 861 -18.33 31.32 -9.95
C LEU B 861 -16.87 31.04 -9.57
N LEU B 862 -16.55 31.32 -8.32
CA LEU B 862 -15.21 31.12 -7.73
C LEU B 862 -15.35 30.16 -6.55
N MET B 863 -14.49 29.14 -6.52
CA MET B 863 -14.52 28.12 -5.43
C MET B 863 -14.38 28.82 -4.07
N GLY B 864 -13.59 29.89 -4.00
CA GLY B 864 -13.21 30.58 -2.75
C GLY B 864 -14.17 31.68 -2.34
N GLU B 865 -15.31 31.88 -3.03
CA GLU B 865 -16.33 32.89 -2.65
C GLU B 865 -17.71 32.24 -2.54
N GLN B 866 -18.43 32.54 -1.47
CA GLN B 866 -19.74 31.90 -1.18
C GLN B 866 -20.68 32.13 -2.37
N PHE B 867 -21.31 31.07 -2.84
CA PHE B 867 -22.30 31.13 -3.94
C PHE B 867 -23.55 30.36 -3.52
N LEU B 868 -24.62 30.58 -4.25
CA LEU B 868 -25.90 29.84 -4.09
C LEU B 868 -26.47 29.60 -5.47
N VAL B 869 -26.51 28.34 -5.89
CA VAL B 869 -27.13 27.91 -7.18
C VAL B 869 -28.46 27.26 -6.82
N SER B 870 -29.55 27.61 -7.50
CA SER B 870 -30.89 27.10 -7.13
C SER B 870 -31.70 26.81 -8.38
N TRP B 871 -32.68 25.92 -8.28
CA TRP B 871 -33.57 25.58 -9.42
C TRP B 871 -34.96 25.25 -8.86
N CYS B 872 -35.98 25.34 -9.71
CA CYS B 872 -37.38 24.98 -9.39
C CYS B 872 -38.20 24.92 -10.68
C1 NAG C . 7.20 -12.97 42.82
C2 NAG C . 8.53 -13.59 42.44
C3 NAG C . 9.12 -14.25 43.69
C4 NAG C . 9.30 -13.24 44.82
C5 NAG C . 8.00 -12.44 45.03
C6 NAG C . 8.19 -11.29 46.01
C7 NAG C . 8.97 -14.69 40.35
C8 NAG C . 8.67 -15.94 39.56
N2 NAG C . 8.30 -14.63 41.49
O3 NAG C . 10.34 -14.90 43.35
O4 NAG C . 9.59 -13.95 46.05
O5 NAG C . 7.52 -11.92 43.78
O6 NAG C . 9.12 -10.33 45.50
O7 NAG C . 9.77 -13.84 39.99
C1 NAG C . 10.74 -13.38 46.73
C2 NAG C . 10.72 -13.74 48.23
C3 NAG C . 12.00 -13.23 48.92
C4 NAG C . 13.28 -13.52 48.13
C5 NAG C . 13.11 -13.11 46.67
C6 NAG C . 14.31 -13.41 45.77
C7 NAG C . 8.40 -13.80 49.14
C8 NAG C . 7.31 -12.98 49.79
N2 NAG C . 9.53 -13.14 48.88
O3 NAG C . 12.07 -13.78 50.23
O4 NAG C . 14.39 -12.84 48.73
O5 NAG C . 11.97 -13.79 46.13
O6 NAG C . 14.26 -14.80 45.43
O7 NAG C . 8.24 -14.98 48.88
C1 FUC C . 9.21 -9.15 46.34
C2 FUC C . 10.56 -8.47 46.14
C3 FUC C . 10.60 -7.75 44.79
C4 FUC C . 9.43 -6.78 44.57
C5 FUC C . 8.10 -7.46 44.90
C6 FUC C . 6.96 -6.43 44.93
O2 FUC C . 11.61 -9.46 46.23
O3 FUC C . 11.82 -7.04 44.66
O4 FUC C . 9.58 -5.57 45.33
O5 FUC C . 8.15 -8.18 46.15
C1 NAG D . -9.53 -18.92 25.57
C2 NAG D . -10.95 -19.11 26.05
C3 NAG D . -11.05 -20.24 27.06
C4 NAG D . -10.31 -21.49 26.62
C5 NAG D . -8.92 -21.12 26.10
C6 NAG D . -8.24 -22.36 25.56
C7 NAG D . -12.48 -17.30 26.30
C8 NAG D . -12.96 -16.19 27.19
N2 NAG D . -11.44 -17.96 26.76
O3 NAG D . -12.46 -20.53 27.27
O4 NAG D . -10.18 -22.31 27.80
O5 NAG D . -9.05 -20.15 25.06
O6 NAG D . -8.89 -22.77 24.37
O7 NAG D . -13.00 -17.59 25.25
C1 NAG D . -10.74 -23.63 27.64
C2 NAG D . -10.26 -24.37 28.88
C3 NAG D . -10.91 -25.75 29.09
C4 NAG D . -12.42 -25.72 28.80
C5 NAG D . -12.55 -25.11 27.41
C6 NAG D . -13.93 -25.18 26.80
C7 NAG D . -7.98 -23.79 29.50
C8 NAG D . -6.55 -23.95 29.10
N2 NAG D . -8.82 -24.48 28.73
O3 NAG D . -10.64 -26.17 30.42
O4 NAG D . -13.03 -27.03 28.92
O5 NAG D . -12.16 -23.73 27.54
O6 NAG D . -14.79 -24.32 27.55
O7 NAG D . -8.39 -23.09 30.43
C1 NAG E . 7.15 7.34 -32.46
C2 NAG E . 7.88 6.01 -32.38
C3 NAG E . 8.66 5.72 -33.67
C4 NAG E . 7.78 5.88 -34.89
C5 NAG E . 7.08 7.23 -34.78
C6 NAG E . 6.21 7.53 -35.99
C7 NAG E . 8.65 5.60 -30.13
C8 NAG E . 9.80 5.76 -29.19
N2 NAG E . 8.86 6.06 -31.34
O3 NAG E . 9.23 4.42 -33.59
O4 NAG E . 8.62 5.83 -36.06
O5 NAG E . 6.28 7.23 -33.59
O6 NAG E . 5.20 6.54 -35.98
O7 NAG E . 7.60 5.09 -29.82
C1 NAG E . 8.17 4.87 -37.04
C2 NAG E . 8.88 5.19 -38.37
C3 NAG E . 9.05 4.00 -39.29
C4 NAG E . 9.41 2.74 -38.51
C5 NAG E . 8.34 2.48 -37.46
C6 NAG E . 8.59 1.21 -36.66
C7 NAG E . 8.45 7.55 -38.98
C8 NAG E . 7.37 8.52 -39.39
N2 NAG E . 8.09 6.26 -38.98
O3 NAG E . 10.08 4.25 -40.25
O4 NAG E . 9.54 1.65 -39.42
O5 NAG E . 8.33 3.55 -36.53
O6 NAG E . 7.35 0.80 -36.06
O7 NAG E . 9.56 7.94 -38.61
C1 NAG F . 34.76 -10.14 3.43
C2 NAG F . 35.26 -11.54 3.06
C3 NAG F . 36.56 -11.54 2.26
C4 NAG F . 36.38 -10.64 1.04
C5 NAG F . 35.90 -9.27 1.54
C6 NAG F . 35.70 -8.32 0.38
C7 NAG F . 34.67 -13.41 4.51
C8 NAG F . 35.02 -14.15 5.79
N2 NAG F . 35.43 -12.34 4.25
O3 NAG F . 36.85 -12.90 1.87
O4 NAG F . 37.60 -10.36 0.32
O5 NAG F . 34.66 -9.41 2.24
O6 NAG F . 35.29 -7.02 0.84
O7 NAG F . 33.74 -13.75 3.81
C1 NAG F . 37.83 -11.36 -0.68
C2 NAG F . 38.50 -10.71 -1.88
C3 NAG F . 38.91 -11.75 -2.94
C4 NAG F . 39.67 -12.89 -2.29
C5 NAG F . 38.91 -13.44 -1.09
C6 NAG F . 39.77 -14.50 -0.41
C7 NAG F . 38.03 -8.47 -2.69
C8 NAG F . 37.02 -7.49 -3.29
N2 NAG F . 37.64 -9.72 -2.50
O3 NAG F . 39.74 -11.09 -3.87
O4 NAG F . 39.86 -13.91 -3.28
O5 NAG F . 38.60 -12.41 -0.12
O6 NAG F . 39.02 -15.01 0.69
O7 NAG F . 39.16 -8.14 -2.32
C1 BMA F . 41.25 -14.02 -3.73
C2 BMA F . 41.46 -15.47 -4.11
C3 BMA F . 42.91 -15.70 -4.55
C4 BMA F . 43.25 -14.75 -5.69
C5 BMA F . 42.95 -13.30 -5.30
C6 BMA F . 43.29 -12.33 -6.45
O2 BMA F . 40.53 -15.75 -5.16
O3 BMA F . 43.12 -17.07 -4.92
O4 BMA F . 44.64 -14.85 -6.00
O5 BMA F . 41.58 -13.19 -4.86
O6 BMA F . 42.38 -11.23 -6.58
C1 NAG G . 7.14 -11.46 -27.15
C2 NAG G . 7.56 -12.91 -26.87
C3 NAG G . 8.96 -13.22 -27.41
C4 NAG G . 9.12 -12.79 -28.87
C5 NAG G . 8.59 -11.37 -29.07
C6 NAG G . 8.61 -11.04 -30.55
C7 NAG G . 6.68 -14.24 -24.95
C8 NAG G . 6.85 -14.52 -23.48
N2 NAG G . 7.48 -13.27 -25.43
O3 NAG G . 9.14 -14.63 -27.31
O4 NAG G . 10.50 -12.93 -29.32
O5 NAG G . 7.24 -11.21 -28.54
O6 NAG G . 7.63 -11.81 -31.24
O7 NAG G . 5.89 -14.88 -25.67
C1 FUC G . 7.63 -11.59 -32.69
C2 FUC G . 6.66 -12.56 -33.34
C3 FUC G . 5.24 -12.25 -32.86
C4 FUC G . 4.84 -10.87 -33.33
C5 FUC G . 5.92 -9.83 -32.97
C6 FUC G . 5.70 -8.55 -33.79
O2 FUC G . 6.99 -13.91 -33.06
O3 FUC G . 4.31 -13.23 -33.33
O4 FUC G . 4.62 -10.88 -34.74
O5 FUC G . 7.28 -10.26 -33.13
S SO4 H . 5.49 -42.97 11.59
O1 SO4 H . 5.11 -42.75 12.96
O2 SO4 H . 6.55 -43.95 11.57
O3 SO4 H . 4.36 -43.46 10.85
O4 SO4 H . 5.96 -41.75 11.00
CL CL I . 1.11 -37.18 25.39
CL CL J . 13.17 -33.49 19.01
C1 GOL K . 2.90 -30.89 10.44
O1 GOL K . 4.03 -30.01 10.41
C2 GOL K . 3.13 -32.15 11.25
O2 GOL K . 2.53 -32.10 12.56
C3 GOL K . 2.60 -33.36 10.54
O3 GOL K . 1.33 -33.08 9.96
C1 EDO L . -2.95 -40.11 20.64
O1 EDO L . -2.93 -41.09 19.65
C2 EDO L . -1.68 -40.11 21.41
O2 EDO L . -0.53 -39.76 20.66
C1 EDO M . -25.36 35.04 -2.82
O1 EDO M . -26.75 34.75 -2.92
C2 EDO M . -24.51 33.99 -2.20
O2 EDO M . -24.83 33.63 -0.85
O1 YTW N . 13.65 -7.51 -14.81
S1 YTW N . 14.03 -7.27 -13.44
O2 YTW N . 14.56 -8.40 -12.72
N1 YTW N . 12.79 -6.53 -12.67
C1 YTW N . 13.32 -5.32 -12.00
C2 YTW N . 14.48 -4.88 -12.88
O3 YTW N . 15.10 -6.11 -13.34
C3 YTW N . 14.05 -4.08 -14.11
C4 YTW N . 15.26 -3.37 -14.71
O4 YTW N . 15.74 -2.30 -13.88
C5 YTW N . 12.88 -3.14 -13.86
O5 YTW N . 12.47 -2.58 -15.12
C6 YTW N . 11.70 -3.79 -13.18
O6 YTW N . 10.62 -2.85 -12.94
C7 YTW N . 12.21 -4.27 -11.80
O7 YTW N . 11.15 -4.83 -11.06
S SO4 O . 2.18 18.92 6.46
O1 SO4 O . 2.17 20.04 7.38
O2 SO4 O . 1.30 17.90 6.93
O3 SO4 O . 3.52 18.38 6.36
O4 SO4 O . 1.74 19.41 5.17
S SO4 P . -19.47 -11.73 -15.39
O1 SO4 P . -18.71 -10.83 -14.55
O2 SO4 P . -19.87 -12.87 -14.59
O3 SO4 P . -18.67 -12.18 -16.49
O4 SO4 P . -20.66 -11.05 -15.90
S SO4 Q . -31.02 7.22 -2.21
O1 SO4 Q . -31.26 8.45 -1.54
O2 SO4 Q . -29.69 6.71 -1.92
O3 SO4 Q . -31.97 6.23 -1.76
O4 SO4 Q . -31.18 7.43 -3.61
S SO4 R . -4.30 -15.44 -19.02
O1 SO4 R . -4.51 -15.19 -17.61
O2 SO4 R . -3.17 -16.33 -19.12
O3 SO4 R . -5.48 -16.05 -19.57
O4 SO4 R . -3.98 -14.24 -19.78
CL CL S . 20.89 -6.49 18.39
CL CL T . 24.35 1.09 17.98
CL CL U . -24.49 -12.61 -2.02
CL CL V . -22.10 -13.75 -7.77
CL CL W . -12.71 -16.26 3.27
CL CL X . -18.20 35.71 -8.47
CL CL Y . 31.69 16.62 -6.53
C1 GOL Z . 27.63 12.33 -9.50
O1 GOL Z . 27.07 13.61 -9.76
C2 GOL Z . 28.10 12.23 -8.06
O2 GOL Z . 29.05 13.26 -7.77
C3 GOL Z . 28.70 10.90 -7.73
O3 GOL Z . 29.74 10.59 -8.65
C1 GOL AA . 35.53 12.14 8.12
O1 GOL AA . 35.45 13.02 6.99
C2 GOL AA . 34.23 11.41 8.37
O2 GOL AA . 33.14 12.33 8.25
C3 GOL AA . 34.00 10.23 7.45
O3 GOL AA . 32.62 9.85 7.38
C1 EDO BA . 24.48 -14.66 -11.74
O1 EDO BA . 23.16 -14.65 -12.26
C2 EDO BA . 25.33 -13.61 -12.40
O2 EDO BA . 26.68 -13.58 -12.01
C1 EDO CA . -15.54 -11.83 -6.64
O1 EDO CA . -14.90 -12.06 -7.88
C2 EDO CA . -16.18 -10.52 -6.58
O2 EDO CA . -15.23 -9.49 -6.37
C1 EDO DA . -8.19 32.17 -16.76
O1 EDO DA . -8.45 32.11 -18.14
C2 EDO DA . -6.97 32.94 -16.38
O2 EDO DA . -6.63 32.81 -15.00
C1 PGE EA . 15.61 4.34 10.73
O1 PGE EA . 16.96 4.10 10.38
C2 PGE EA . 14.81 3.08 10.87
O2 PGE EA . 13.42 3.37 10.99
C3 PGE EA . 12.60 2.21 10.85
C4 PGE EA . 11.14 2.58 10.91
O4 PGE EA . 6.85 0.83 11.99
C6 PGE EA . 8.18 0.52 11.63
C5 PGE EA . 8.95 1.72 11.18
O3 PGE EA . 10.33 1.42 11.11
C1 PGE FA . 23.42 -9.56 -15.79
O1 PGE FA . 24.32 -9.72 -14.69
C2 PGE FA . 22.46 -10.73 -15.94
O2 PGE FA . 21.90 -11.12 -14.69
C3 PGE FA . 20.63 -11.79 -14.77
C4 PGE FA . 19.82 -11.58 -13.49
O4 PGE FA . 16.07 -10.37 -16.21
C6 PGE FA . 16.46 -10.99 -14.98
C5 PGE FA . 17.90 -10.71 -14.63
O3 PGE FA . 18.41 -11.68 -13.72
#